data_9CQK
#
_entry.id   9CQK
#
_cell.length_a   42.573
_cell.length_b   45.448
_cell.length_c   92.145
_cell.angle_alpha   75.85
_cell.angle_beta   78.69
_cell.angle_gamma   77.26
#
_symmetry.space_group_name_H-M   'P 1'
#
loop_
_entity.id
_entity.type
_entity.pdbx_description
1 polymer 'Alcohol dehydrogenase E chain'
2 non-polymer 'ZINC ION'
3 non-polymer '1,4-DIHYDRONICOTINAMIDE ADENINE DINUCLEOTIDE'
4 non-polymer CYCLOHEXYLFORMAMIDE
5 water water
#
_entity_poly.entity_id   1
_entity_poly.type   'polypeptide(L)'
_entity_poly.pdbx_seq_one_letter_code
;GAGSTAGKVIKCKAAVLWEEKKPFSIEEVEVAPPKAHEVRIKMVATGICRSDDHVVSGTLVTPLPVIAGHEAAGIVESIG
EGVTTVRPGDKVIPLWTPQCGKCRVCKHPEGNFCLKNDLSMPRGTMQDGTSRFTCRGKPIHHFLGTSTFSQYTVVDEISV
AKIDAASPLEKVCLIGCGFSTGYGSAVKVAKVTQGSTCAVFGLGGVGLSVIMGCKAAGAARIIGVDINKDKFAKAKEVGA
TECVNPQDYKKPIQEVLTEMSNGGVDFSFEVIGRLDTMVTALSCCQEAYGVSVIVGVPPDSQNLSMNPMLLLSGRTWKGA
IFGGFKSKDSVPKLVADFMAKKFALDPLITHVLPFEKINEGFDLLRSGESIRTILTF
;
_entity_poly.pdbx_strand_id   A,B
#
loop_
_chem_comp.id
_chem_comp.type
_chem_comp.name
_chem_comp.formula
CXF non-polymer CYCLOHEXYLFORMAMIDE 'C7 H13 N O'
NAI non-polymer '1,4-DIHYDRONICOTINAMIDE ADENINE DINUCLEOTIDE' 'C21 H29 N7 O14 P2'
ZN non-polymer 'ZINC ION' 'Zn 2'
#
# COMPACT_ATOMS: atom_id res chain seq x y z
N SER A 4 49.25 10.07 15.15
CA SER A 4 49.22 11.39 15.67
C SER A 4 47.87 11.82 16.23
N THR A 5 46.76 11.38 15.65
CA THR A 5 45.50 11.79 16.21
C THR A 5 44.74 10.71 17.02
N ALA A 6 45.13 9.49 16.88
CA ALA A 6 44.43 8.41 17.56
C ALA A 6 44.43 8.58 19.06
N GLY A 7 43.27 8.42 19.66
CA GLY A 7 43.17 8.55 21.07
C GLY A 7 43.24 9.97 21.58
N LYS A 8 43.14 10.92 20.68
CA LYS A 8 43.23 12.32 21.04
C LYS A 8 42.04 13.09 20.49
N VAL A 9 41.71 14.17 21.16
CA VAL A 9 40.69 15.05 20.68
C VAL A 9 41.19 15.74 19.43
N ILE A 10 40.30 15.88 18.44
CA ILE A 10 40.62 16.56 17.23
C ILE A 10 39.89 17.88 17.19
N LYS A 11 40.57 18.94 16.78
CA LYS A 11 39.98 20.26 16.59
C LYS A 11 39.91 20.49 15.09
N CYS A 12 38.72 20.70 14.58
CA CYS A 12 38.51 20.82 13.18
C CYS A 12 37.31 21.70 12.83
N LYS A 13 37.12 21.99 11.56
CA LYS A 13 36.00 22.76 11.14
C LYS A 13 34.74 21.95 10.94
N ALA A 14 33.60 22.54 11.24
CA ALA A 14 32.30 21.90 11.03
C ALA A 14 31.25 22.99 10.84
N ALA A 15 30.13 22.62 10.24
CA ALA A 15 29.02 23.53 10.08
C ALA A 15 28.00 23.22 11.21
N VAL A 16 27.80 24.18 12.08
CA VAL A 16 26.88 24.02 13.17
C VAL A 16 25.62 24.84 12.91
N LEU A 17 24.49 24.20 13.13
CA LEU A 17 23.22 24.89 13.03
C LEU A 17 22.76 25.16 14.45
N TRP A 18 22.80 26.43 14.86
CA TRP A 18 22.48 26.79 16.24
C TRP A 18 20.98 26.99 16.44
N GLU A 19 20.28 27.41 15.42
CA GLU A 19 18.85 27.71 15.48
C GLU A 19 18.16 27.46 14.16
N GLU A 20 16.85 27.21 14.19
CA GLU A 20 16.14 27.12 12.93
C GLU A 20 16.16 28.35 12.03
N LYS A 21 16.09 28.09 10.74
CA LYS A 21 15.98 29.15 9.73
C LYS A 21 17.15 30.10 9.74
N LYS A 22 18.30 29.65 10.22
CA LYS A 22 19.48 30.44 10.21
C LYS A 22 20.51 29.82 9.23
N PRO A 23 21.44 30.61 8.77
CA PRO A 23 22.49 29.98 7.98
C PRO A 23 23.36 29.08 8.85
N PHE A 24 24.03 28.09 8.25
CA PHE A 24 24.91 27.29 9.05
C PHE A 24 26.09 28.20 9.44
N SER A 25 26.65 27.92 10.60
CA SER A 25 27.80 28.67 11.07
C SER A 25 29.04 27.79 10.97
N ILE A 26 30.05 28.26 10.26
CA ILE A 26 31.31 27.52 10.19
C ILE A 26 32.06 27.76 11.49
N GLU A 27 32.30 26.69 12.21
CA GLU A 27 32.92 26.77 13.49
C GLU A 27 34.08 25.83 13.70
N GLU A 28 34.84 26.10 14.75
CA GLU A 28 35.90 25.19 15.18
C GLU A 28 35.23 24.30 16.24
N VAL A 29 35.25 22.99 16.07
CA VAL A 29 34.63 22.12 17.02
C VAL A 29 35.65 21.09 17.50
N GLU A 30 35.40 20.54 18.64
CA GLU A 30 36.23 19.53 19.23
C GLU A 30 35.52 18.17 19.08
N VAL A 31 36.18 17.21 18.45
CA VAL A 31 35.63 15.89 18.17
C VAL A 31 36.35 14.87 19.01
N ALA A 32 35.66 14.22 19.92
CA ALA A 32 36.25 13.29 20.80
C ALA A 32 36.68 12.02 20.08
N PRO A 33 37.61 11.29 20.64
CA PRO A 33 37.99 10.02 20.06
C PRO A 33 36.86 9.00 20.26
N PRO A 34 36.87 7.96 19.46
CA PRO A 34 35.78 7.01 19.54
C PRO A 34 35.76 6.14 20.79
N LYS A 35 34.59 5.96 21.34
CA LYS A 35 34.39 5.08 22.46
C LYS A 35 34.14 3.65 21.96
N ALA A 36 33.83 2.72 22.82
CA ALA A 36 33.66 1.34 22.39
C ALA A 36 32.67 1.21 21.25
N HIS A 37 33.03 0.44 20.26
CA HIS A 37 32.14 0.20 19.12
C HIS A 37 31.77 1.43 18.31
N GLU A 38 32.66 2.42 18.32
CA GLU A 38 32.52 3.66 17.57
C GLU A 38 33.71 3.80 16.64
N VAL A 39 33.52 4.62 15.62
CA VAL A 39 34.48 4.83 14.57
C VAL A 39 34.60 6.32 14.21
N ARG A 40 35.81 6.86 14.26
CA ARG A 40 36.03 8.23 13.87
C ARG A 40 36.49 8.29 12.42
N ILE A 41 35.83 9.11 11.63
CA ILE A 41 36.06 9.21 10.23
C ILE A 41 36.43 10.58 9.76
N LYS A 42 37.41 10.63 8.88
CA LYS A 42 37.75 11.90 8.22
C LYS A 42 36.85 12.01 6.98
N MET A 43 36.00 12.99 6.98
CA MET A 43 35.11 13.19 5.84
C MET A 43 35.91 13.72 4.66
N VAL A 44 35.57 13.23 3.47
CA VAL A 44 36.20 13.68 2.26
C VAL A 44 35.22 14.47 1.37
N ALA A 45 33.98 14.00 1.32
CA ALA A 45 32.96 14.64 0.54
C ALA A 45 31.57 14.40 1.15
N THR A 46 30.73 15.41 1.07
CA THR A 46 29.38 15.27 1.55
C THR A 46 28.42 15.99 0.61
N GLY A 47 27.29 15.36 0.36
CA GLY A 47 26.29 15.96 -0.50
C GLY A 47 25.25 16.73 0.29
N ILE A 48 24.54 17.63 -0.38
CA ILE A 48 23.50 18.42 0.23
C ILE A 48 22.15 17.86 -0.23
N CYS A 49 21.48 17.23 0.70
CA CYS A 49 20.19 16.58 0.52
C CYS A 49 19.10 17.47 1.08
N ARG A 50 17.91 17.41 0.45
CA ARG A 50 16.82 18.23 0.92
C ARG A 50 16.46 17.95 2.39
N SER A 51 16.75 16.74 2.85
CA SER A 51 16.47 16.42 4.25
C SER A 51 17.33 17.23 5.21
N ASP A 52 18.53 17.61 4.80
CA ASP A 52 19.35 18.45 5.64
C ASP A 52 18.69 19.85 5.71
N ASP A 53 18.10 20.29 4.61
CA ASP A 53 17.39 21.57 4.57
C ASP A 53 16.12 21.51 5.42
N HIS A 54 15.49 20.35 5.47
CA HIS A 54 14.32 20.23 6.30
C HIS A 54 14.67 20.51 7.78
N VAL A 55 15.91 20.25 8.15
CA VAL A 55 16.30 20.56 9.50
C VAL A 55 16.31 22.08 9.72
N VAL A 56 16.78 22.80 8.73
CA VAL A 56 16.84 24.22 8.83
C VAL A 56 15.46 24.83 8.82
N SER A 57 14.63 24.32 7.96
CA SER A 57 13.31 24.90 7.85
C SER A 57 12.32 24.57 8.95
N GLY A 58 12.64 23.56 9.72
CA GLY A 58 11.71 23.10 10.72
C GLY A 58 10.79 22.01 10.22
N THR A 59 10.96 21.59 8.99
CA THR A 59 10.14 20.55 8.42
C THR A 59 10.42 19.23 9.13
N LEU A 60 11.66 19.07 9.52
CA LEU A 60 12.07 17.90 10.25
C LEU A 60 12.57 18.38 11.60
N VAL A 61 11.88 17.98 12.66
CA VAL A 61 12.25 18.43 13.97
C VAL A 61 13.29 17.48 14.58
N THR A 62 14.42 18.02 14.97
CA THR A 62 15.51 17.26 15.57
C THR A 62 16.21 18.21 16.56
N PRO A 63 16.80 17.67 17.63
CA PRO A 63 17.38 18.56 18.63
C PRO A 63 18.46 19.48 18.08
N LEU A 64 18.42 20.75 18.48
CA LEU A 64 19.41 21.76 18.14
C LEU A 64 20.13 22.23 19.42
N PRO A 65 21.36 22.76 19.27
CA PRO A 65 22.09 22.94 18.03
C PRO A 65 22.63 21.58 17.53
N VAL A 66 22.92 21.51 16.25
CA VAL A 66 23.31 20.26 15.69
C VAL A 66 24.27 20.38 14.55
N ILE A 67 24.97 19.31 14.29
CA ILE A 67 25.81 19.20 13.11
C ILE A 67 25.05 18.24 12.20
N ALA A 68 24.47 18.79 11.15
CA ALA A 68 23.67 17.99 10.23
C ALA A 68 24.60 17.25 9.23
N GLY A 69 24.01 16.76 8.14
CA GLY A 69 24.80 16.03 7.16
C GLY A 69 24.68 14.52 7.32
N HIS A 70 24.32 13.86 6.23
CA HIS A 70 24.12 12.42 6.29
C HIS A 70 24.44 11.65 4.95
N GLU A 71 24.83 12.40 3.93
CA GLU A 71 25.16 11.83 2.62
C GLU A 71 26.66 12.11 2.38
N ALA A 72 27.50 11.12 2.66
CA ALA A 72 28.92 11.42 2.70
C ALA A 72 29.75 10.15 2.43
N ALA A 73 31.05 10.39 2.28
CA ALA A 73 32.05 9.35 2.14
C ALA A 73 33.33 9.86 2.77
N GLY A 74 34.08 8.97 3.35
CA GLY A 74 35.35 9.35 3.97
C GLY A 74 36.30 8.20 4.23
N ILE A 75 37.24 8.42 5.14
CA ILE A 75 38.26 7.47 5.45
C ILE A 75 38.37 7.33 6.95
N VAL A 76 38.45 6.10 7.42
CA VAL A 76 38.53 5.87 8.84
C VAL A 76 39.85 6.37 9.42
N GLU A 77 39.74 7.15 10.47
CA GLU A 77 40.92 7.68 11.14
C GLU A 77 41.32 6.83 12.35
N SER A 78 40.35 6.37 13.11
CA SER A 78 40.65 5.50 14.25
C SER A 78 39.38 4.75 14.63
N ILE A 79 39.56 3.69 15.41
CA ILE A 79 38.45 2.89 15.87
C ILE A 79 38.47 2.70 17.39
N GLY A 80 37.33 2.51 17.97
CA GLY A 80 37.22 2.29 19.39
C GLY A 80 37.33 0.81 19.76
N GLU A 81 37.41 0.55 21.06
CA GLU A 81 37.49 -0.83 21.52
C GLU A 81 36.39 -1.69 20.96
N GLY A 82 36.76 -2.90 20.54
CA GLY A 82 35.81 -3.89 20.08
C GLY A 82 35.38 -3.80 18.63
N VAL A 83 35.76 -2.75 17.95
CA VAL A 83 35.38 -2.61 16.55
C VAL A 83 36.05 -3.71 15.72
N THR A 84 35.31 -4.30 14.81
CA THR A 84 35.83 -5.40 14.01
C THR A 84 35.56 -5.31 12.51
N THR A 85 34.68 -4.43 12.10
CA THR A 85 34.30 -4.35 10.70
C THR A 85 35.00 -3.34 9.81
N VAL A 86 35.71 -2.41 10.42
CA VAL A 86 36.50 -1.44 9.68
C VAL A 86 37.82 -1.24 10.42
N ARG A 87 38.82 -0.75 9.69
CA ARG A 87 40.15 -0.46 10.17
C ARG A 87 40.55 0.95 9.74
N PRO A 88 41.52 1.57 10.42
CA PRO A 88 41.99 2.88 9.98
C PRO A 88 42.52 2.79 8.56
N GLY A 89 42.20 3.77 7.75
CA GLY A 89 42.57 3.83 6.36
C GLY A 89 41.50 3.30 5.40
N ASP A 90 40.49 2.63 5.94
CA ASP A 90 39.41 2.11 5.09
C ASP A 90 38.53 3.22 4.57
N LYS A 91 38.07 3.10 3.31
CA LYS A 91 37.07 4.00 2.77
C LYS A 91 35.70 3.52 3.30
N VAL A 92 34.91 4.48 3.78
CA VAL A 92 33.63 4.15 4.33
C VAL A 92 32.54 5.16 3.97
N ILE A 93 31.31 4.74 4.16
CA ILE A 93 30.15 5.60 3.98
C ILE A 93 29.33 5.49 5.25
N PRO A 94 29.08 6.63 5.90
CA PRO A 94 28.23 6.58 7.08
C PRO A 94 26.78 6.23 6.74
N LEU A 95 26.12 5.54 7.66
CA LEU A 95 24.76 5.07 7.44
C LEU A 95 23.76 5.74 8.38
N TRP A 96 22.95 6.62 7.81
CA TRP A 96 22.00 7.33 8.65
C TRP A 96 20.79 6.49 9.00
N THR A 97 20.61 5.34 8.34
CA THR A 97 19.77 4.25 8.83
C THR A 97 20.71 3.13 9.25
N PRO A 98 20.76 2.81 10.52
CA PRO A 98 21.73 1.77 10.86
C PRO A 98 21.29 0.34 10.46
N GLN A 99 22.13 -0.63 10.78
CA GLN A 99 21.79 -2.02 10.62
C GLN A 99 22.47 -2.74 11.77
N CYS A 100 21.78 -2.83 12.88
CA CYS A 100 22.33 -3.49 14.05
C CYS A 100 22.45 -4.99 13.90
N GLY A 101 21.66 -5.56 13.02
CA GLY A 101 21.71 -6.99 12.80
C GLY A 101 21.03 -7.86 13.82
N LYS A 102 20.46 -7.23 14.82
CA LYS A 102 19.88 -7.95 15.94
C LYS A 102 18.40 -7.72 16.25
N CYS A 103 17.82 -6.63 15.79
CA CYS A 103 16.44 -6.35 16.08
C CYS A 103 15.55 -7.08 15.11
N ARG A 104 14.25 -7.08 15.41
CA ARG A 104 13.35 -7.87 14.56
C ARG A 104 13.27 -7.33 13.14
N VAL A 105 13.62 -6.08 12.92
CA VAL A 105 13.56 -5.54 11.58
C VAL A 105 14.80 -5.98 10.79
N CYS A 106 15.96 -5.97 11.46
CA CYS A 106 17.18 -6.38 10.79
C CYS A 106 17.14 -7.87 10.43
N LYS A 107 16.42 -8.62 11.23
CA LYS A 107 16.31 -10.04 11.02
C LYS A 107 15.22 -10.42 10.00
N HIS A 108 14.35 -9.48 9.68
CA HIS A 108 13.31 -9.69 8.67
C HIS A 108 13.94 -9.73 7.28
N PRO A 109 13.41 -10.52 6.39
CA PRO A 109 14.01 -10.59 5.07
C PRO A 109 13.92 -9.33 4.22
N GLU A 110 12.96 -8.48 4.48
CA GLU A 110 12.75 -7.28 3.67
C GLU A 110 12.96 -5.97 4.42
N GLY A 111 12.44 -5.87 5.65
CA GLY A 111 12.47 -4.59 6.34
C GLY A 111 13.88 -4.09 6.56
N ASN A 112 14.02 -2.78 6.54
CA ASN A 112 15.31 -2.15 6.72
C ASN A 112 15.37 -1.00 7.72
N PHE A 113 14.23 -0.58 8.22
CA PHE A 113 14.19 0.55 9.17
C PHE A 113 14.56 0.07 10.59
N CYS A 114 15.84 -0.21 10.73
CA CYS A 114 16.41 -0.70 11.99
C CYS A 114 15.85 0.04 13.23
N LEU A 115 15.49 -0.69 14.26
CA LEU A 115 14.98 -0.10 15.46
C LEU A 115 15.96 0.80 16.23
N LYS A 116 17.23 0.76 15.87
CA LYS A 116 18.20 1.61 16.51
C LYS A 116 18.32 2.96 15.79
N ASN A 117 17.46 3.23 14.81
CA ASN A 117 17.52 4.51 14.12
C ASN A 117 17.23 5.67 15.07
N ASP A 118 17.71 6.85 14.68
CA ASP A 118 17.50 8.08 15.42
C ASP A 118 16.60 9.02 14.66
N LEU A 119 15.79 8.43 13.80
CA LEU A 119 14.85 9.18 13.00
C LEU A 119 13.41 9.30 13.56
N SER A 120 12.86 8.23 14.03
CA SER A 120 11.51 8.28 14.55
C SER A 120 11.34 9.14 15.77
N MET A 121 12.23 8.99 16.72
CA MET A 121 12.18 9.69 18.00
C MET A 121 13.59 10.18 18.27
N PRO A 122 13.98 11.20 17.55
CA PRO A 122 15.37 11.62 17.59
C PRO A 122 15.84 12.13 18.91
N ARG A 123 17.02 11.69 19.28
CA ARG A 123 17.67 12.16 20.47
C ARG A 123 18.89 13.05 20.13
N GLY A 124 19.38 12.96 18.90
CA GLY A 124 20.53 13.75 18.50
C GLY A 124 21.81 13.33 19.19
N THR A 125 22.00 12.05 19.39
CA THR A 125 23.15 11.54 20.07
C THR A 125 23.72 10.26 19.41
N MET A 126 24.77 9.76 20.01
CA MET A 126 25.33 8.46 19.67
C MET A 126 24.40 7.39 20.28
N GLN A 127 24.61 6.13 19.95
CA GLN A 127 23.79 5.09 20.53
C GLN A 127 23.78 5.07 22.05
N ASP A 128 24.84 5.54 22.64
CA ASP A 128 24.94 5.54 24.08
C ASP A 128 24.27 6.72 24.77
N GLY A 129 23.62 7.57 24.00
CA GLY A 129 22.97 8.72 24.54
C GLY A 129 23.79 9.96 24.89
N THR A 130 25.02 10.03 24.37
CA THR A 130 25.88 11.19 24.60
C THR A 130 26.38 11.71 23.26
N SER A 131 27.16 12.77 23.32
CA SER A 131 27.70 13.41 22.13
C SER A 131 29.22 13.44 22.14
N ARG A 132 29.80 13.43 20.96
CA ARG A 132 31.21 13.52 20.82
C ARG A 132 31.66 14.88 20.28
N PHE A 133 30.74 15.82 20.18
CA PHE A 133 31.08 17.10 19.68
C PHE A 133 30.91 18.22 20.72
N THR A 134 31.89 19.11 20.77
CA THR A 134 31.82 20.27 21.59
C THR A 134 32.16 21.49 20.74
N CYS A 135 31.47 22.60 20.99
CA CYS A 135 31.78 23.83 20.26
C CYS A 135 31.66 25.00 21.23
N ARG A 136 32.77 25.67 21.46
CA ARG A 136 32.79 26.79 22.37
C ARG A 136 32.39 26.37 23.79
N GLY A 137 32.77 25.17 24.11
CA GLY A 137 32.50 24.58 25.38
C GLY A 137 31.13 23.95 25.55
N LYS A 138 30.27 24.08 24.56
CA LYS A 138 28.92 23.54 24.62
C LYS A 138 28.80 22.25 23.81
N PRO A 139 28.16 21.24 24.35
CA PRO A 139 27.90 20.02 23.60
C PRO A 139 26.95 20.29 22.42
N ILE A 140 27.20 19.60 21.33
CA ILE A 140 26.42 19.78 20.11
C ILE A 140 25.78 18.44 19.72
N HIS A 141 24.56 18.47 19.26
CA HIS A 141 23.88 17.25 18.89
C HIS A 141 24.35 16.66 17.58
N HIS A 142 24.24 15.33 17.51
CA HIS A 142 24.47 14.58 16.28
C HIS A 142 23.16 14.58 15.49
N PHE A 143 23.24 14.19 14.22
CA PHE A 143 22.08 14.09 13.36
C PHE A 143 22.06 12.70 12.71
N LEU A 144 21.02 11.94 12.98
CA LEU A 144 20.87 10.63 12.42
C LEU A 144 22.08 9.73 12.61
N GLY A 145 22.80 9.97 13.68
CA GLY A 145 23.96 9.22 14.00
C GLY A 145 25.13 9.35 13.01
N THR A 146 25.05 10.28 12.10
CA THR A 146 26.11 10.49 11.12
C THR A 146 26.84 11.86 11.22
N SER A 147 26.11 12.95 11.24
CA SER A 147 26.68 14.28 11.34
C SER A 147 27.89 14.46 10.40
N THR A 148 27.61 14.48 9.11
CA THR A 148 28.68 14.57 8.12
C THR A 148 29.17 15.97 7.74
N PHE A 149 28.50 16.99 8.26
CA PHE A 149 28.95 18.36 7.99
C PHE A 149 30.11 18.75 8.94
N SER A 150 31.13 17.90 9.02
CA SER A 150 32.28 18.14 9.87
C SER A 150 33.51 17.42 9.28
N GLN A 151 34.68 18.03 9.39
CA GLN A 151 35.87 17.40 8.85
C GLN A 151 36.04 15.99 9.42
N TYR A 152 35.64 15.83 10.65
CA TYR A 152 35.73 14.56 11.33
C TYR A 152 34.43 14.32 12.08
N THR A 153 33.93 13.10 11.99
CA THR A 153 32.76 12.73 12.76
C THR A 153 33.00 11.40 13.45
N VAL A 154 32.17 11.08 14.42
CA VAL A 154 32.21 9.79 15.11
C VAL A 154 30.84 9.09 14.92
N VAL A 155 30.89 7.86 14.48
CA VAL A 155 29.70 7.11 14.24
C VAL A 155 29.74 5.73 14.90
N ASP A 156 28.60 5.21 15.26
CA ASP A 156 28.60 3.89 15.82
C ASP A 156 28.93 2.85 14.72
N GLU A 157 29.44 1.72 15.14
CA GLU A 157 29.82 0.70 14.18
C GLU A 157 28.64 0.22 13.30
N ILE A 158 27.45 0.18 13.86
CA ILE A 158 26.29 -0.25 13.10
C ILE A 158 25.82 0.81 12.10
N SER A 159 26.49 1.96 12.10
CA SER A 159 26.19 3.05 11.24
C SER A 159 27.33 3.39 10.24
N VAL A 160 28.13 2.40 9.92
CA VAL A 160 29.19 2.62 8.97
C VAL A 160 29.46 1.36 8.14
N ALA A 161 29.73 1.57 6.86
CA ALA A 161 29.98 0.48 5.96
C ALA A 161 31.31 0.69 5.21
N LYS A 162 32.13 -0.34 5.12
CA LYS A 162 33.38 -0.31 4.38
C LYS A 162 33.04 -0.51 2.89
N ILE A 163 33.80 0.18 2.03
CA ILE A 163 33.60 0.13 0.62
C ILE A 163 34.90 -0.03 -0.21
N ASP A 164 34.71 -0.23 -1.50
CA ASP A 164 35.83 -0.38 -2.45
C ASP A 164 36.95 0.61 -2.18
N ALA A 165 38.15 0.10 -1.94
CA ALA A 165 39.30 0.97 -1.66
C ALA A 165 39.68 1.91 -2.81
N ALA A 166 39.21 1.62 -4.00
CA ALA A 166 39.52 2.50 -5.11
C ALA A 166 38.31 3.41 -5.43
N SER A 167 37.32 3.44 -4.55
CA SER A 167 36.16 4.25 -4.85
C SER A 167 36.42 5.74 -4.92
N PRO A 168 35.79 6.46 -5.83
CA PRO A 168 35.87 7.93 -5.91
C PRO A 168 34.92 8.54 -4.88
N LEU A 169 35.47 8.91 -3.74
CA LEU A 169 34.64 9.43 -2.65
C LEU A 169 33.76 10.64 -2.98
N GLU A 170 34.18 11.49 -3.90
CA GLU A 170 33.39 12.64 -4.26
C GLU A 170 32.18 12.29 -5.10
N LYS A 171 32.06 11.04 -5.50
CA LYS A 171 30.92 10.59 -6.23
C LYS A 171 30.08 9.59 -5.40
N VAL A 172 30.75 8.63 -4.78
CA VAL A 172 30.05 7.58 -4.06
C VAL A 172 29.37 8.05 -2.81
N CYS A 173 29.62 9.27 -2.36
CA CYS A 173 28.89 9.78 -1.25
C CYS A 173 27.37 9.75 -1.55
N LEU A 174 27.01 9.90 -2.80
CA LEU A 174 25.62 9.88 -3.16
C LEU A 174 24.93 8.57 -2.81
N ILE A 175 25.71 7.52 -2.75
CA ILE A 175 25.22 6.23 -2.41
C ILE A 175 24.77 6.18 -0.94
N GLY A 176 25.28 7.11 -0.17
CA GLY A 176 24.91 7.26 1.22
C GLY A 176 23.49 7.79 1.45
N CYS A 177 22.95 8.36 0.42
CA CYS A 177 21.58 8.78 0.51
C CYS A 177 20.77 8.88 -0.76
N GLY A 178 20.98 9.95 -1.49
CA GLY A 178 20.14 10.27 -2.60
C GLY A 178 19.93 9.26 -3.69
N PHE A 179 21.02 8.71 -4.16
CA PHE A 179 20.90 7.75 -5.20
C PHE A 179 20.24 6.45 -4.72
N SER A 180 20.77 5.89 -3.67
CA SER A 180 20.21 4.64 -3.20
C SER A 180 18.71 4.76 -2.85
N THR A 181 18.33 5.85 -2.25
CA THR A 181 16.93 6.03 -1.91
C THR A 181 16.05 6.02 -3.16
N GLY A 182 16.46 6.76 -4.15
CA GLY A 182 15.60 6.82 -5.32
C GLY A 182 15.64 5.51 -6.10
N TYR A 183 16.84 5.02 -6.33
CA TYR A 183 17.03 3.78 -7.07
C TYR A 183 16.26 2.62 -6.41
N GLY A 184 16.43 2.48 -5.13
CA GLY A 184 15.76 1.42 -4.45
C GLY A 184 14.25 1.57 -4.42
N SER A 185 13.79 2.77 -4.21
CA SER A 185 12.38 2.98 -4.20
C SER A 185 11.71 2.42 -5.49
N ALA A 186 12.44 2.42 -6.60
CA ALA A 186 11.89 1.88 -7.83
C ALA A 186 12.12 0.37 -7.98
N VAL A 187 13.36 -0.02 -7.78
CA VAL A 187 13.67 -1.40 -8.03
C VAL A 187 13.30 -2.37 -6.94
N LYS A 188 13.28 -1.90 -5.72
CA LYS A 188 13.04 -2.72 -4.57
C LYS A 188 11.72 -2.57 -3.87
N VAL A 189 11.28 -1.34 -3.76
CA VAL A 189 10.07 -1.08 -3.06
C VAL A 189 8.88 -1.17 -4.03
N ALA A 190 8.96 -0.46 -5.12
CA ALA A 190 7.85 -0.52 -6.05
C ALA A 190 7.90 -1.81 -6.86
N LYS A 191 9.11 -2.25 -7.12
CA LYS A 191 9.32 -3.41 -7.96
C LYS A 191 8.79 -3.15 -9.38
N VAL A 192 9.26 -2.08 -9.96
CA VAL A 192 8.86 -1.68 -11.30
C VAL A 192 9.11 -2.82 -12.29
N THR A 193 8.17 -3.03 -13.20
CA THR A 193 8.22 -4.08 -14.18
C THR A 193 8.55 -3.64 -15.59
N GLN A 194 9.13 -4.54 -16.37
CA GLN A 194 9.49 -4.17 -17.72
C GLN A 194 8.27 -3.79 -18.53
N GLY A 195 8.39 -2.73 -19.32
CA GLY A 195 7.37 -2.25 -20.20
C GLY A 195 6.29 -1.38 -19.58
N SER A 196 6.46 -1.02 -18.32
CA SER A 196 5.48 -0.27 -17.59
C SER A 196 5.59 1.21 -17.80
N THR A 197 4.58 1.93 -17.35
CA THR A 197 4.54 3.36 -17.38
C THR A 197 4.67 3.90 -15.94
N CYS A 198 5.66 4.74 -15.71
CA CYS A 198 5.90 5.33 -14.43
C CYS A 198 5.71 6.85 -14.41
N ALA A 199 5.30 7.40 -13.27
CA ALA A 199 5.23 8.83 -13.10
C ALA A 199 6.08 9.18 -11.87
N VAL A 200 6.99 10.14 -12.00
CA VAL A 200 7.88 10.54 -10.91
C VAL A 200 7.66 12.04 -10.56
N PHE A 201 7.13 12.29 -9.38
CA PHE A 201 6.82 13.63 -8.92
C PHE A 201 8.04 14.18 -8.17
N GLY A 202 8.75 15.16 -8.74
CA GLY A 202 9.95 15.72 -8.11
C GLY A 202 11.21 15.28 -8.84
N LEU A 203 11.91 16.21 -9.43
CA LEU A 203 13.08 15.91 -10.18
C LEU A 203 14.41 16.47 -9.62
N GLY A 204 14.59 16.27 -8.34
CA GLY A 204 15.80 16.59 -7.67
C GLY A 204 16.70 15.36 -7.70
N GLY A 205 17.69 15.33 -6.83
CA GLY A 205 18.58 14.21 -6.81
C GLY A 205 17.95 12.87 -6.52
N VAL A 206 16.98 12.89 -5.65
CA VAL A 206 16.31 11.65 -5.36
C VAL A 206 15.37 11.24 -6.49
N GLY A 207 14.60 12.15 -7.02
CA GLY A 207 13.71 11.82 -8.11
C GLY A 207 14.43 11.38 -9.38
N LEU A 208 15.54 12.02 -9.67
CA LEU A 208 16.28 11.58 -10.83
C LEU A 208 16.82 10.17 -10.62
N SER A 209 17.16 9.85 -9.38
CA SER A 209 17.59 8.49 -9.10
C SER A 209 16.41 7.50 -9.25
N VAL A 210 15.23 7.93 -8.88
CA VAL A 210 14.09 7.09 -9.14
C VAL A 210 13.96 6.80 -10.65
N ILE A 211 14.17 7.82 -11.46
CA ILE A 211 14.09 7.62 -12.90
C ILE A 211 15.15 6.59 -13.36
N MET A 212 16.35 6.64 -12.78
CA MET A 212 17.37 5.68 -13.14
C MET A 212 16.96 4.27 -12.77
N GLY A 213 16.24 4.14 -11.66
CA GLY A 213 15.81 2.84 -11.26
C GLY A 213 14.70 2.36 -12.17
N CYS A 214 13.79 3.22 -12.57
CA CYS A 214 12.71 2.83 -13.44
C CYS A 214 13.29 2.38 -14.78
N LYS A 215 14.33 3.06 -15.24
CA LYS A 215 14.92 2.70 -16.50
C LYS A 215 15.62 1.32 -16.36
N ALA A 216 16.38 1.18 -15.31
CA ALA A 216 17.04 -0.09 -15.10
C ALA A 216 16.04 -1.26 -15.00
N ALA A 217 14.85 -0.97 -14.54
CA ALA A 217 13.82 -1.98 -14.41
C ALA A 217 13.15 -2.27 -15.76
N GLY A 218 13.45 -1.48 -16.75
CA GLY A 218 12.88 -1.72 -18.05
C GLY A 218 11.58 -1.00 -18.38
N ALA A 219 11.21 0.01 -17.60
CA ALA A 219 10.01 0.76 -17.89
C ALA A 219 10.01 1.27 -19.32
N ALA A 220 8.85 1.30 -19.97
CA ALA A 220 8.80 1.78 -21.32
C ALA A 220 8.53 3.26 -21.40
N ARG A 221 7.88 3.78 -20.37
CA ARG A 221 7.50 5.14 -20.32
C ARG A 221 7.72 5.72 -18.91
N ILE A 222 8.34 6.90 -18.84
CA ILE A 222 8.63 7.56 -17.61
C ILE A 222 8.31 9.05 -17.70
N ILE A 223 7.29 9.46 -16.95
CA ILE A 223 6.84 10.82 -16.99
C ILE A 223 7.28 11.59 -15.75
N GLY A 224 8.07 12.63 -15.92
CA GLY A 224 8.56 13.42 -14.85
C GLY A 224 7.64 14.59 -14.61
N VAL A 225 7.41 14.92 -13.36
CA VAL A 225 6.54 16.01 -12.98
C VAL A 225 7.27 16.95 -12.06
N ASP A 226 7.43 18.19 -12.48
CA ASP A 226 8.10 19.19 -11.63
C ASP A 226 7.62 20.58 -12.04
N ILE A 227 7.48 21.47 -11.08
CA ILE A 227 7.09 22.83 -11.37
C ILE A 227 8.31 23.68 -11.85
N ASN A 228 9.50 23.11 -11.83
CA ASN A 228 10.68 23.77 -12.32
C ASN A 228 11.08 23.15 -13.66
N LYS A 229 10.73 23.78 -14.76
CA LYS A 229 11.05 23.26 -16.08
C LYS A 229 12.52 23.12 -16.37
N ASP A 230 13.37 23.80 -15.58
CA ASP A 230 14.79 23.69 -15.80
C ASP A 230 15.31 22.32 -15.47
N LYS A 231 14.51 21.52 -14.82
CA LYS A 231 14.96 20.20 -14.49
C LYS A 231 14.62 19.18 -15.56
N PHE A 232 13.86 19.55 -16.57
CA PHE A 232 13.41 18.60 -17.57
C PHE A 232 14.51 18.05 -18.45
N ALA A 233 15.45 18.86 -18.83
CA ALA A 233 16.52 18.37 -19.68
C ALA A 233 17.31 17.25 -19.03
N LYS A 234 17.66 17.41 -17.78
CA LYS A 234 18.37 16.36 -17.08
C LYS A 234 17.47 15.13 -16.84
N ALA A 235 16.23 15.38 -16.51
CA ALA A 235 15.33 14.25 -16.33
C ALA A 235 15.27 13.39 -17.59
N LYS A 236 15.21 14.03 -18.75
CA LYS A 236 15.19 13.28 -20.01
C LYS A 236 16.51 12.62 -20.26
N GLU A 237 17.57 13.27 -19.84
CA GLU A 237 18.86 12.69 -20.01
C GLU A 237 19.04 11.35 -19.31
N VAL A 238 18.42 11.23 -18.15
CA VAL A 238 18.51 10.02 -17.38
C VAL A 238 17.38 9.02 -17.60
N GLY A 239 16.46 9.33 -18.50
CA GLY A 239 15.44 8.36 -18.82
C GLY A 239 13.98 8.76 -18.95
N ALA A 240 13.64 9.96 -18.57
CA ALA A 240 12.29 10.39 -18.75
C ALA A 240 11.90 10.48 -20.21
N THR A 241 10.75 9.95 -20.56
CA THR A 241 10.28 10.05 -21.89
C THR A 241 9.52 11.36 -22.10
N GLU A 242 8.89 11.80 -21.05
CA GLU A 242 8.10 13.02 -21.03
C GLU A 242 8.20 13.73 -19.71
N CYS A 243 7.93 15.02 -19.71
CA CYS A 243 7.92 15.78 -18.50
C CYS A 243 6.76 16.75 -18.58
N VAL A 244 6.08 16.93 -17.45
CA VAL A 244 5.01 17.89 -17.36
C VAL A 244 5.17 18.83 -16.16
N ASN A 245 4.74 20.06 -16.31
CA ASN A 245 4.81 21.06 -15.26
C ASN A 245 3.41 21.39 -14.82
N PRO A 246 3.06 21.13 -13.60
CA PRO A 246 1.68 21.40 -13.20
C PRO A 246 1.25 22.84 -13.35
N GLN A 247 2.18 23.76 -13.26
CA GLN A 247 1.84 25.16 -13.41
C GLN A 247 1.37 25.50 -14.80
N ASP A 248 1.57 24.62 -15.73
CA ASP A 248 1.16 24.85 -17.12
C ASP A 248 -0.31 24.57 -17.37
N TYR A 249 -0.98 23.94 -16.41
CA TYR A 249 -2.31 23.44 -16.63
C TYR A 249 -3.43 24.04 -15.81
N LYS A 250 -4.60 24.02 -16.39
CA LYS A 250 -5.78 24.45 -15.69
C LYS A 250 -6.37 23.20 -14.98
N LYS A 251 -6.15 22.03 -15.45
CA LYS A 251 -6.70 20.85 -14.86
C LYS A 251 -5.72 20.35 -13.77
N PRO A 252 -6.26 19.64 -12.75
CA PRO A 252 -5.33 19.05 -11.79
C PRO A 252 -4.44 18.07 -12.53
N ILE A 253 -3.22 17.93 -12.08
CA ILE A 253 -2.28 17.11 -12.77
C ILE A 253 -2.64 15.63 -12.84
N GLN A 254 -3.43 15.14 -11.92
CA GLN A 254 -3.78 13.73 -11.98
C GLN A 254 -4.65 13.38 -13.19
N GLU A 255 -5.42 14.33 -13.60
CA GLU A 255 -6.31 14.15 -14.71
C GLU A 255 -5.52 14.13 -16.00
N VAL A 256 -4.51 14.95 -16.02
CA VAL A 256 -3.64 14.98 -17.13
C VAL A 256 -2.89 13.65 -17.24
N LEU A 257 -2.36 13.22 -16.12
CA LEU A 257 -1.63 11.99 -16.10
C LEU A 257 -2.47 10.76 -16.42
N THR A 258 -3.67 10.73 -15.91
CA THR A 258 -4.56 9.63 -16.16
C THR A 258 -4.93 9.56 -17.65
N GLU A 259 -5.16 10.71 -18.25
CA GLU A 259 -5.50 10.76 -19.67
C GLU A 259 -4.31 10.31 -20.51
N MET A 260 -3.12 10.76 -20.18
CA MET A 260 -1.92 10.41 -20.95
C MET A 260 -1.62 8.95 -20.97
N SER A 261 -1.92 8.31 -19.87
CA SER A 261 -1.62 6.93 -19.66
C SER A 261 -2.82 6.00 -19.91
N ASN A 262 -3.83 6.53 -20.60
CA ASN A 262 -4.97 5.76 -20.96
C ASN A 262 -5.63 5.06 -19.76
N GLY A 263 -5.75 5.79 -18.66
CA GLY A 263 -6.42 5.30 -17.51
C GLY A 263 -5.62 5.16 -16.23
N GLY A 264 -4.39 5.64 -16.23
CA GLY A 264 -3.54 5.59 -15.07
C GLY A 264 -2.21 4.90 -15.29
N VAL A 265 -1.22 5.33 -14.51
CA VAL A 265 0.11 4.75 -14.65
C VAL A 265 0.21 3.46 -13.83
N ASP A 266 1.22 2.68 -14.12
CA ASP A 266 1.48 1.49 -13.37
C ASP A 266 2.16 1.77 -12.02
N PHE A 267 3.11 2.71 -12.05
CA PHE A 267 3.86 3.03 -10.85
C PHE A 267 4.04 4.54 -10.73
N SER A 268 3.71 5.11 -9.58
CA SER A 268 3.92 6.52 -9.34
C SER A 268 4.79 6.69 -8.07
N PHE A 269 5.53 7.78 -8.01
CA PHE A 269 6.42 8.06 -6.92
C PHE A 269 6.32 9.53 -6.50
N GLU A 270 6.08 9.78 -5.21
CA GLU A 270 6.11 11.16 -4.73
C GLU A 270 7.53 11.36 -4.13
N VAL A 271 8.25 12.29 -4.73
CA VAL A 271 9.64 12.52 -4.34
C VAL A 271 9.83 14.02 -4.08
N ILE A 272 8.92 14.60 -3.32
CA ILE A 272 8.96 16.00 -3.05
C ILE A 272 8.81 16.25 -1.55
N GLY A 273 7.67 15.91 -1.03
CA GLY A 273 7.40 16.15 0.35
C GLY A 273 6.20 17.07 0.57
N ARG A 274 5.14 16.86 -0.19
CA ARG A 274 3.92 17.65 -0.07
C ARG A 274 2.73 16.72 0.11
N LEU A 275 1.85 17.03 1.02
CA LEU A 275 0.69 16.20 1.29
C LEU A 275 -0.20 16.05 0.06
N ASP A 276 -0.44 17.15 -0.64
CA ASP A 276 -1.28 17.10 -1.79
C ASP A 276 -0.69 16.22 -2.89
N THR A 277 0.61 16.30 -3.11
CA THR A 277 1.21 15.52 -4.15
C THR A 277 1.22 14.03 -3.84
N MET A 278 1.18 13.72 -2.56
CA MET A 278 1.12 12.34 -2.18
C MET A 278 -0.22 11.78 -2.65
N VAL A 279 -1.29 12.49 -2.42
CA VAL A 279 -2.57 12.00 -2.85
C VAL A 279 -2.71 12.05 -4.36
N THR A 280 -2.14 13.06 -4.97
CA THR A 280 -2.19 13.12 -6.41
C THR A 280 -1.49 11.94 -7.04
N ALA A 281 -0.36 11.58 -6.53
CA ALA A 281 0.40 10.49 -7.05
C ALA A 281 -0.33 9.19 -6.89
N LEU A 282 -1.01 9.06 -5.78
CA LEU A 282 -1.76 7.84 -5.58
C LEU A 282 -2.90 7.77 -6.58
N SER A 283 -3.58 8.88 -6.76
CA SER A 283 -4.74 8.88 -7.63
C SER A 283 -4.43 8.72 -9.11
N CYS A 284 -3.22 9.06 -9.50
CA CYS A 284 -2.84 8.94 -10.88
C CYS A 284 -2.37 7.57 -11.35
N CYS A 285 -2.29 6.63 -10.43
CA CYS A 285 -1.95 5.29 -10.81
C CYS A 285 -3.26 4.52 -11.12
N GLN A 286 -3.17 3.48 -11.96
CA GLN A 286 -4.36 2.72 -12.37
C GLN A 286 -5.13 2.20 -11.13
N GLU A 287 -6.44 2.36 -11.18
CA GLU A 287 -7.26 2.04 -10.03
C GLU A 287 -7.32 0.59 -9.59
N ALA A 288 -7.06 -0.32 -10.49
CA ALA A 288 -7.13 -1.71 -10.22
C ALA A 288 -5.82 -2.39 -9.88
N TYR A 289 -4.73 -1.85 -10.37
CA TYR A 289 -3.46 -2.48 -10.17
C TYR A 289 -2.27 -1.51 -10.01
N GLY A 290 -2.56 -0.25 -9.90
CA GLY A 290 -1.52 0.72 -9.74
C GLY A 290 -0.77 0.63 -8.39
N VAL A 291 0.48 1.10 -8.40
CA VAL A 291 1.29 1.12 -7.19
C VAL A 291 1.86 2.52 -7.03
N SER A 292 1.76 3.09 -5.84
CA SER A 292 2.30 4.40 -5.57
C SER A 292 3.23 4.36 -4.33
N VAL A 293 4.41 4.91 -4.48
CA VAL A 293 5.37 4.95 -3.42
C VAL A 293 5.70 6.37 -2.92
N ILE A 294 5.58 6.57 -1.62
CA ILE A 294 5.90 7.84 -1.08
C ILE A 294 7.36 7.81 -0.64
N VAL A 295 8.11 8.78 -1.13
CA VAL A 295 9.47 8.96 -0.78
C VAL A 295 9.70 10.33 -0.11
N GLY A 296 8.98 11.32 -0.54
CA GLY A 296 9.13 12.63 0.02
C GLY A 296 8.80 12.76 1.50
N VAL A 297 9.35 13.78 2.18
CA VAL A 297 9.10 14.01 3.60
C VAL A 297 8.36 15.32 3.78
N PRO A 298 7.16 15.29 4.36
CA PRO A 298 6.35 16.49 4.57
C PRO A 298 6.58 17.08 5.93
N PRO A 299 6.04 18.25 6.20
CA PRO A 299 6.26 18.83 7.52
C PRO A 299 5.83 17.94 8.66
N ASP A 300 6.63 18.05 9.70
CA ASP A 300 6.54 17.25 10.92
C ASP A 300 5.10 17.05 11.38
N SER A 301 4.68 15.81 11.39
CA SER A 301 3.39 15.40 11.95
C SER A 301 2.11 15.87 11.33
N GLN A 302 2.16 16.31 10.11
CA GLN A 302 0.95 16.75 9.47
C GLN A 302 0.29 15.58 8.78
N ASN A 303 -1.03 15.51 8.78
CA ASN A 303 -1.78 14.41 8.20
C ASN A 303 -2.36 14.85 6.87
N LEU A 304 -2.56 13.90 5.99
CA LEU A 304 -3.24 14.10 4.73
C LEU A 304 -4.69 13.61 4.83
N SER A 305 -5.49 14.01 3.85
CA SER A 305 -6.89 13.61 3.73
C SER A 305 -7.08 12.86 2.39
N MET A 306 -7.64 11.66 2.44
CA MET A 306 -7.88 10.87 1.25
C MET A 306 -9.09 9.98 1.34
N ASN A 307 -9.57 9.55 0.20
CA ASN A 307 -10.73 8.67 0.10
C ASN A 307 -10.27 7.22 0.02
N PRO A 308 -10.62 6.39 0.99
CA PRO A 308 -10.10 5.03 0.91
C PRO A 308 -10.64 4.21 -0.26
N MET A 309 -11.64 4.69 -0.96
CA MET A 309 -12.11 3.98 -2.15
C MET A 309 -10.98 3.93 -3.22
N LEU A 310 -10.01 4.82 -3.09
CA LEU A 310 -8.87 4.82 -4.00
C LEU A 310 -8.13 3.52 -3.85
N LEU A 311 -8.07 3.01 -2.62
CA LEU A 311 -7.41 1.76 -2.39
C LEU A 311 -8.30 0.52 -2.63
N LEU A 312 -9.56 0.61 -2.24
CA LEU A 312 -10.45 -0.51 -2.40
C LEU A 312 -10.51 -1.05 -3.83
N SER A 313 -10.37 -0.18 -4.82
CA SER A 313 -10.41 -0.61 -6.20
C SER A 313 -9.23 -1.54 -6.54
N GLY A 314 -8.18 -1.47 -5.76
CA GLY A 314 -7.03 -2.33 -5.95
C GLY A 314 -5.64 -1.65 -5.93
N ARG A 315 -5.61 -0.39 -5.66
CA ARG A 315 -4.34 0.29 -5.62
C ARG A 315 -3.51 -0.15 -4.43
N THR A 316 -2.19 -0.05 -4.55
CA THR A 316 -1.27 -0.30 -3.50
C THR A 316 -0.55 1.01 -3.16
N TRP A 317 -0.49 1.35 -1.88
CA TRP A 317 0.16 2.55 -1.43
C TRP A 317 1.25 2.16 -0.43
N LYS A 318 2.49 2.57 -0.65
CA LYS A 318 3.54 2.26 0.28
C LYS A 318 4.59 3.36 0.34
N GLY A 319 5.46 3.24 1.33
CA GLY A 319 6.55 4.16 1.48
C GLY A 319 7.79 3.41 1.93
N ALA A 320 8.93 4.08 1.89
CA ALA A 320 10.15 3.49 2.36
C ALA A 320 11.21 4.49 2.81
N ILE A 321 12.09 4.00 3.66
CA ILE A 321 13.26 4.74 4.08
C ILE A 321 14.48 4.19 3.30
N PHE A 322 15.33 5.06 2.81
CA PHE A 322 16.56 4.59 2.16
C PHE A 322 16.34 3.55 1.04
N GLY A 323 15.26 3.65 0.32
CA GLY A 323 15.05 2.74 -0.80
C GLY A 323 14.79 1.29 -0.42
N GLY A 324 14.46 1.08 0.81
CA GLY A 324 14.25 -0.25 1.29
C GLY A 324 15.53 -1.06 1.51
N PHE A 325 16.68 -0.43 1.34
CA PHE A 325 17.91 -1.15 1.48
C PHE A 325 18.39 -1.37 2.91
N LYS A 326 18.72 -2.60 3.25
CA LYS A 326 19.39 -2.93 4.52
C LYS A 326 20.77 -2.24 4.33
N SER A 327 21.04 -1.29 5.18
CA SER A 327 22.15 -0.40 4.96
C SER A 327 23.54 -0.94 4.90
N LYS A 328 23.92 -1.67 5.92
CA LYS A 328 25.27 -2.19 5.95
C LYS A 328 25.47 -3.27 4.88
N ASP A 329 24.47 -4.05 4.65
CA ASP A 329 24.56 -5.05 3.63
C ASP A 329 24.62 -4.49 2.21
N SER A 330 23.83 -3.49 1.92
CA SER A 330 23.68 -2.97 0.61
C SER A 330 24.64 -1.91 0.08
N VAL A 331 25.04 -1.01 0.95
CA VAL A 331 25.92 0.03 0.51
C VAL A 331 27.20 -0.45 -0.16
N PRO A 332 27.86 -1.41 0.43
CA PRO A 332 29.08 -1.86 -0.27
C PRO A 332 28.77 -2.50 -1.63
N LYS A 333 27.65 -3.16 -1.74
CA LYS A 333 27.28 -3.78 -2.99
C LYS A 333 26.92 -2.72 -4.03
N LEU A 334 26.32 -1.65 -3.56
CA LEU A 334 25.96 -0.60 -4.49
C LEU A 334 27.23 0.09 -5.00
N VAL A 335 28.21 0.29 -4.14
CA VAL A 335 29.43 0.87 -4.59
C VAL A 335 30.09 -0.05 -5.62
N ALA A 336 30.06 -1.33 -5.37
CA ALA A 336 30.65 -2.27 -6.30
C ALA A 336 29.93 -2.19 -7.66
N ASP A 337 28.62 -2.13 -7.63
CA ASP A 337 27.89 -1.97 -8.86
C ASP A 337 28.30 -0.68 -9.60
N PHE A 338 28.50 0.41 -8.86
CA PHE A 338 28.91 1.64 -9.49
C PHE A 338 30.28 1.41 -10.14
N MET A 339 31.18 0.80 -9.42
CA MET A 339 32.53 0.60 -9.95
C MET A 339 32.48 -0.27 -11.21
N ALA A 340 31.46 -1.10 -11.31
CA ALA A 340 31.25 -1.98 -12.44
C ALA A 340 30.43 -1.34 -13.55
N LYS A 341 30.17 -0.07 -13.46
CA LYS A 341 29.47 0.64 -14.49
C LYS A 341 28.04 0.21 -14.68
N LYS A 342 27.38 -0.20 -13.60
CA LYS A 342 25.99 -0.63 -13.70
C LYS A 342 25.00 0.52 -13.57
N PHE A 343 25.47 1.65 -13.07
CA PHE A 343 24.71 2.86 -13.00
C PHE A 343 25.68 4.06 -13.02
N ALA A 344 25.15 5.23 -13.24
CA ALA A 344 25.93 6.43 -13.26
C ALA A 344 25.55 7.40 -12.17
N LEU A 345 26.53 8.10 -11.64
CA LEU A 345 26.30 9.08 -10.61
C LEU A 345 26.55 10.52 -11.12
N ASP A 346 27.43 10.67 -12.11
CA ASP A 346 27.69 12.01 -12.60
C ASP A 346 26.49 12.90 -13.02
N PRO A 347 25.55 12.32 -13.69
CA PRO A 347 24.43 13.14 -14.09
C PRO A 347 23.69 13.83 -12.92
N LEU A 348 23.87 13.36 -11.70
CA LEU A 348 23.21 13.97 -10.56
C LEU A 348 23.97 15.16 -9.96
N ILE A 349 25.23 15.30 -10.32
CA ILE A 349 26.08 16.33 -9.75
C ILE A 349 26.15 17.54 -10.64
N THR A 350 25.67 18.66 -10.13
CA THR A 350 25.63 19.88 -10.90
C THR A 350 26.68 20.88 -10.43
N HIS A 351 27.09 20.76 -9.19
CA HIS A 351 28.00 21.65 -8.55
C HIS A 351 28.95 20.95 -7.57
N VAL A 352 30.18 21.42 -7.52
CA VAL A 352 31.14 20.91 -6.57
C VAL A 352 31.76 22.13 -5.93
N LEU A 353 31.57 22.25 -4.63
CA LEU A 353 32.06 23.36 -3.88
C LEU A 353 32.91 22.98 -2.65
N PRO A 354 33.73 23.89 -2.21
CA PRO A 354 34.47 23.64 -0.99
C PRO A 354 33.46 23.63 0.16
N PHE A 355 33.76 22.92 1.22
CA PHE A 355 32.86 22.85 2.36
C PHE A 355 32.56 24.25 2.93
N GLU A 356 33.53 25.12 2.89
CA GLU A 356 33.35 26.46 3.39
C GLU A 356 32.17 27.20 2.75
N LYS A 357 31.76 26.77 1.56
CA LYS A 357 30.65 27.42 0.86
C LYS A 357 29.33 26.62 1.04
N ILE A 358 29.19 25.95 2.13
CA ILE A 358 27.99 25.18 2.41
C ILE A 358 26.71 26.01 2.25
N ASN A 359 26.73 27.25 2.70
CA ASN A 359 25.52 28.03 2.60
C ASN A 359 25.13 28.33 1.18
N GLU A 360 26.13 28.57 0.34
CA GLU A 360 25.89 28.83 -1.05
C GLU A 360 25.29 27.59 -1.68
N GLY A 361 25.71 26.44 -1.27
CA GLY A 361 25.18 25.23 -1.79
C GLY A 361 23.74 25.08 -1.40
N PHE A 362 23.41 25.39 -0.17
CA PHE A 362 22.03 25.33 0.25
C PHE A 362 21.21 26.38 -0.53
N ASP A 363 21.82 27.51 -0.85
CA ASP A 363 21.10 28.48 -1.59
C ASP A 363 20.77 27.95 -3.00
N LEU A 364 21.72 27.21 -3.59
CA LEU A 364 21.51 26.66 -4.92
C LEU A 364 20.36 25.66 -4.92
N LEU A 365 20.29 24.91 -3.88
CA LEU A 365 19.23 23.95 -3.77
C LEU A 365 17.87 24.64 -3.69
N ARG A 366 17.76 25.63 -2.84
CA ARG A 366 16.53 26.32 -2.64
C ARG A 366 16.04 27.14 -3.83
N SER A 367 16.96 27.64 -4.62
CA SER A 367 16.62 28.41 -5.78
C SER A 367 16.26 27.58 -7.01
N GLY A 368 16.54 26.31 -6.95
CA GLY A 368 16.27 25.44 -8.06
C GLY A 368 17.36 25.34 -9.11
N GLU A 369 18.55 25.77 -8.78
CA GLU A 369 19.66 25.73 -9.73
C GLU A 369 20.48 24.51 -9.75
N SER A 370 20.48 23.80 -8.66
CA SER A 370 21.24 22.62 -8.58
C SER A 370 20.42 21.35 -8.43
N ILE A 371 21.00 20.23 -8.81
CA ILE A 371 20.46 18.93 -8.50
C ILE A 371 21.22 18.65 -7.18
N ARG A 372 22.36 17.98 -7.27
CA ARG A 372 23.16 17.81 -6.07
C ARG A 372 24.45 18.62 -6.15
N THR A 373 24.76 19.27 -5.06
CA THR A 373 25.99 19.95 -4.82
C THR A 373 26.81 19.00 -3.93
N ILE A 374 28.05 18.77 -4.29
CA ILE A 374 28.95 17.98 -3.49
C ILE A 374 29.94 18.95 -2.83
N LEU A 375 30.05 18.83 -1.53
CA LEU A 375 30.95 19.61 -0.71
C LEU A 375 32.24 18.85 -0.44
N THR A 376 33.38 19.44 -0.83
CA THR A 376 34.66 18.78 -0.57
C THR A 376 35.40 19.45 0.60
N PHE A 377 36.01 18.65 1.45
CA PHE A 377 36.74 19.13 2.58
C PHE A 377 38.21 19.38 2.25
N SER B 4 -40.48 -25.28 -20.25
CA SER B 4 -41.61 -24.69 -20.97
C SER B 4 -41.48 -23.18 -21.05
N THR B 5 -40.37 -22.66 -20.53
CA THR B 5 -40.14 -21.25 -20.45
C THR B 5 -39.16 -20.66 -21.49
N ALA B 6 -38.49 -21.52 -22.22
CA ALA B 6 -37.50 -20.99 -23.12
C ALA B 6 -38.09 -19.99 -24.10
N GLY B 7 -37.42 -18.87 -24.28
CA GLY B 7 -37.94 -17.88 -25.19
C GLY B 7 -39.20 -17.17 -24.75
N LYS B 8 -39.59 -17.32 -23.50
CA LYS B 8 -40.72 -16.63 -22.98
C LYS B 8 -40.48 -15.89 -21.64
N VAL B 9 -41.33 -14.89 -21.44
CA VAL B 9 -41.30 -14.17 -20.18
C VAL B 9 -41.66 -15.13 -19.05
N ILE B 10 -40.94 -15.02 -17.93
CA ILE B 10 -41.25 -15.78 -16.77
C ILE B 10 -41.83 -14.86 -15.68
N LYS B 11 -42.91 -15.29 -15.05
CA LYS B 11 -43.48 -14.59 -13.90
C LYS B 11 -43.04 -15.35 -12.65
N CYS B 12 -42.36 -14.68 -11.75
CA CYS B 12 -41.84 -15.32 -10.56
C CYS B 12 -41.78 -14.36 -9.35
N LYS B 13 -41.34 -14.88 -8.25
CA LYS B 13 -41.22 -14.12 -7.04
C LYS B 13 -39.82 -13.47 -6.95
N ALA B 14 -39.77 -12.29 -6.35
CA ALA B 14 -38.51 -11.59 -6.17
C ALA B 14 -38.63 -10.63 -5.00
N ALA B 15 -37.50 -10.18 -4.48
CA ALA B 15 -37.47 -9.18 -3.43
C ALA B 15 -37.06 -7.85 -4.04
N VAL B 16 -37.97 -6.93 -4.05
CA VAL B 16 -37.76 -5.62 -4.65
C VAL B 16 -37.55 -4.60 -3.53
N LEU B 17 -36.53 -3.77 -3.67
CA LEU B 17 -36.31 -2.67 -2.74
C LEU B 17 -36.77 -1.41 -3.44
N TRP B 18 -37.90 -0.87 -3.02
CA TRP B 18 -38.45 0.28 -3.66
C TRP B 18 -37.82 1.60 -3.29
N GLU B 19 -37.28 1.65 -2.10
CA GLU B 19 -36.62 2.84 -1.62
C GLU B 19 -35.65 2.57 -0.53
N GLU B 20 -34.74 3.49 -0.30
CA GLU B 20 -33.80 3.27 0.77
C GLU B 20 -34.44 3.15 2.14
N LYS B 21 -33.80 2.41 3.02
CA LYS B 21 -34.25 2.32 4.38
C LYS B 21 -35.59 1.61 4.63
N LYS B 22 -36.06 0.90 3.64
CA LYS B 22 -37.30 0.11 3.74
C LYS B 22 -37.00 -1.37 3.71
N PRO B 23 -37.91 -2.16 4.25
CA PRO B 23 -37.72 -3.59 4.11
C PRO B 23 -37.87 -4.04 2.66
N PHE B 24 -37.42 -5.25 2.38
CA PHE B 24 -37.57 -5.80 1.07
C PHE B 24 -39.04 -6.21 0.91
N SER B 25 -39.55 -6.05 -0.29
CA SER B 25 -40.90 -6.40 -0.58
C SER B 25 -40.97 -7.59 -1.53
N ILE B 26 -41.58 -8.68 -1.10
CA ILE B 26 -41.66 -9.87 -1.91
C ILE B 26 -42.80 -9.67 -2.84
N GLU B 27 -42.48 -9.67 -4.13
CA GLU B 27 -43.43 -9.43 -5.15
C GLU B 27 -43.31 -10.32 -6.38
N GLU B 28 -44.33 -10.25 -7.24
CA GLU B 28 -44.31 -10.93 -8.50
C GLU B 28 -43.60 -9.98 -9.46
N VAL B 29 -42.65 -10.51 -10.19
CA VAL B 29 -42.01 -9.73 -11.20
C VAL B 29 -42.06 -10.54 -12.50
N GLU B 30 -41.79 -9.86 -13.58
CA GLU B 30 -41.71 -10.48 -14.89
C GLU B 30 -40.25 -10.38 -15.37
N VAL B 31 -39.71 -11.54 -15.78
CA VAL B 31 -38.32 -11.65 -16.18
C VAL B 31 -38.26 -11.96 -17.67
N ALA B 32 -37.70 -11.05 -18.43
CA ALA B 32 -37.57 -11.22 -19.86
C ALA B 32 -36.59 -12.35 -20.24
N PRO B 33 -36.79 -12.97 -21.40
CA PRO B 33 -35.84 -13.97 -21.85
C PRO B 33 -34.50 -13.29 -22.19
N PRO B 34 -33.43 -14.09 -22.27
CA PRO B 34 -32.16 -13.48 -22.52
C PRO B 34 -31.89 -12.98 -23.94
N LYS B 35 -31.28 -11.81 -24.04
CA LYS B 35 -30.87 -11.26 -25.29
C LYS B 35 -29.49 -11.82 -25.67
N ALA B 36 -28.89 -11.32 -26.73
CA ALA B 36 -27.62 -11.87 -27.15
C ALA B 36 -26.58 -11.81 -26.04
N HIS B 37 -25.83 -12.88 -25.91
CA HIS B 37 -24.78 -13.00 -24.91
C HIS B 37 -25.24 -12.80 -23.47
N GLU B 38 -26.47 -13.24 -23.19
CA GLU B 38 -27.09 -13.17 -21.88
C GLU B 38 -27.54 -14.55 -21.48
N VAL B 39 -27.66 -14.76 -20.19
CA VAL B 39 -27.97 -16.03 -19.62
C VAL B 39 -29.07 -15.89 -18.52
N ARG B 40 -30.13 -16.68 -18.63
CA ARG B 40 -31.23 -16.64 -17.62
C ARG B 40 -31.03 -17.80 -16.67
N ILE B 41 -31.02 -17.50 -15.39
CA ILE B 41 -30.68 -18.47 -14.40
C ILE B 41 -31.77 -18.67 -13.37
N LYS B 42 -32.02 -19.92 -13.05
CA LYS B 42 -32.90 -20.26 -11.94
C LYS B 42 -32.07 -20.24 -10.65
N MET B 43 -32.38 -19.30 -9.77
CA MET B 43 -31.68 -19.19 -8.54
C MET B 43 -32.10 -20.34 -7.60
N VAL B 44 -31.13 -20.89 -6.88
CA VAL B 44 -31.40 -21.97 -5.95
C VAL B 44 -31.08 -21.55 -4.51
N ALA B 45 -30.00 -20.78 -4.35
CA ALA B 45 -29.61 -20.30 -3.04
C ALA B 45 -28.89 -18.97 -3.16
N THR B 46 -29.17 -18.07 -2.22
CA THR B 46 -28.49 -16.80 -2.23
C THR B 46 -28.13 -16.37 -0.79
N GLY B 47 -26.94 -15.87 -0.62
CA GLY B 47 -26.53 -15.43 0.70
C GLY B 47 -26.81 -13.97 0.98
N ILE B 48 -26.89 -13.61 2.25
CA ILE B 48 -27.12 -12.25 2.63
C ILE B 48 -25.78 -11.67 3.08
N CYS B 49 -25.22 -10.79 2.26
CA CYS B 49 -23.97 -10.14 2.50
C CYS B 49 -24.22 -8.76 3.07
N ARG B 50 -23.28 -8.28 3.86
CA ARG B 50 -23.42 -6.96 4.37
C ARG B 50 -23.52 -5.90 3.27
N SER B 51 -22.89 -6.16 2.13
CA SER B 51 -23.00 -5.25 1.02
C SER B 51 -24.45 -5.10 0.48
N ASP B 52 -25.26 -6.13 0.65
CA ASP B 52 -26.65 -6.01 0.25
C ASP B 52 -27.35 -5.05 1.24
N ASP B 53 -26.96 -5.13 2.50
CA ASP B 53 -27.50 -4.22 3.52
C ASP B 53 -27.09 -2.77 3.22
N HIS B 54 -25.85 -2.58 2.75
CA HIS B 54 -25.41 -1.24 2.39
C HIS B 54 -26.36 -0.59 1.39
N VAL B 55 -26.98 -1.38 0.54
CA VAL B 55 -27.93 -0.82 -0.40
C VAL B 55 -29.13 -0.27 0.37
N VAL B 56 -29.57 -1.04 1.33
CA VAL B 56 -30.69 -0.60 2.11
C VAL B 56 -30.41 0.68 2.89
N SER B 57 -29.28 0.69 3.57
CA SER B 57 -28.92 1.80 4.39
C SER B 57 -28.49 3.08 3.69
N GLY B 58 -28.08 2.96 2.43
CA GLY B 58 -27.62 4.10 1.71
C GLY B 58 -26.11 4.19 1.67
N THR B 59 -25.41 3.26 2.28
CA THR B 59 -23.95 3.23 2.28
C THR B 59 -23.41 2.97 0.88
N LEU B 60 -24.15 2.16 0.12
CA LEU B 60 -23.80 1.82 -1.24
C LEU B 60 -24.88 2.37 -2.12
N VAL B 61 -24.58 3.41 -2.85
CA VAL B 61 -25.55 4.09 -3.70
C VAL B 61 -25.65 3.46 -5.06
N THR B 62 -26.88 3.06 -5.38
CA THR B 62 -27.19 2.38 -6.64
C THR B 62 -28.62 2.72 -6.99
N PRO B 63 -28.92 2.82 -8.28
CA PRO B 63 -30.28 3.20 -8.64
C PRO B 63 -31.37 2.29 -8.10
N LEU B 64 -32.46 2.91 -7.61
CA LEU B 64 -33.64 2.25 -7.10
C LEU B 64 -34.86 2.59 -8.00
N PRO B 65 -35.90 1.75 -7.99
CA PRO B 65 -36.01 0.50 -7.24
C PRO B 65 -35.10 -0.57 -7.87
N VAL B 66 -34.69 -1.51 -7.04
CA VAL B 66 -33.77 -2.50 -7.48
C VAL B 66 -34.04 -3.90 -6.94
N ILE B 67 -33.55 -4.88 -7.68
CA ILE B 67 -33.54 -6.22 -7.17
C ILE B 67 -32.07 -6.44 -6.78
N ALA B 68 -31.82 -6.51 -5.49
CA ALA B 68 -30.48 -6.71 -5.00
C ALA B 68 -30.05 -8.16 -5.01
N GLY B 69 -28.99 -8.50 -4.28
CA GLY B 69 -28.48 -9.83 -4.25
C GLY B 69 -27.32 -10.00 -5.22
N HIS B 70 -26.24 -10.56 -4.74
CA HIS B 70 -25.06 -10.77 -5.53
C HIS B 70 -24.22 -12.02 -5.14
N GLU B 71 -24.60 -12.70 -4.07
CA GLU B 71 -23.94 -13.91 -3.59
C GLU B 71 -24.94 -15.07 -3.81
N ALA B 72 -24.72 -15.85 -4.86
CA ALA B 72 -25.66 -16.86 -5.18
C ALA B 72 -25.17 -17.97 -6.07
N ALA B 73 -26.01 -18.98 -6.22
CA ALA B 73 -25.73 -20.05 -7.13
C ALA B 73 -27.06 -20.58 -7.69
N GLY B 74 -27.02 -21.10 -8.91
CA GLY B 74 -28.21 -21.60 -9.56
C GLY B 74 -28.00 -22.48 -10.77
N ILE B 75 -29.04 -22.60 -11.58
CA ILE B 75 -29.02 -23.46 -12.75
C ILE B 75 -29.50 -22.68 -13.97
N VAL B 76 -28.74 -22.75 -15.05
CA VAL B 76 -29.11 -22.04 -16.23
C VAL B 76 -30.42 -22.60 -16.80
N GLU B 77 -31.36 -21.71 -17.09
CA GLU B 77 -32.66 -22.06 -17.66
C GLU B 77 -32.67 -21.89 -19.19
N SER B 78 -32.00 -20.87 -19.68
CA SER B 78 -31.85 -20.67 -21.10
C SER B 78 -30.73 -19.68 -21.40
N ILE B 79 -30.29 -19.68 -22.64
CA ILE B 79 -29.22 -18.82 -23.09
C ILE B 79 -29.60 -18.03 -24.34
N GLY B 80 -28.99 -16.89 -24.48
CA GLY B 80 -29.20 -16.02 -25.57
C GLY B 80 -28.32 -16.31 -26.77
N GLU B 81 -28.62 -15.66 -27.88
CA GLU B 81 -27.83 -15.82 -29.10
C GLU B 81 -26.35 -15.61 -28.84
N GLY B 82 -25.54 -16.52 -29.35
CA GLY B 82 -24.14 -16.40 -29.24
C GLY B 82 -23.44 -16.86 -27.98
N VAL B 83 -24.15 -17.33 -26.99
CA VAL B 83 -23.51 -17.78 -25.77
C VAL B 83 -22.82 -19.11 -25.97
N THR B 84 -21.62 -19.25 -25.42
CA THR B 84 -20.85 -20.46 -25.56
C THR B 84 -20.26 -21.03 -24.29
N THR B 85 -20.23 -20.26 -23.23
CA THR B 85 -19.63 -20.71 -21.99
C THR B 85 -20.54 -21.50 -21.02
N VAL B 86 -21.83 -21.43 -21.24
CA VAL B 86 -22.74 -22.19 -20.41
C VAL B 86 -23.89 -22.71 -21.33
N ARG B 87 -24.60 -23.71 -20.85
CA ARG B 87 -25.75 -24.30 -21.53
C ARG B 87 -26.87 -24.52 -20.49
N PRO B 88 -28.10 -24.63 -20.95
CA PRO B 88 -29.18 -24.90 -20.03
C PRO B 88 -28.94 -26.17 -19.22
N GLY B 89 -29.13 -26.08 -17.92
CA GLY B 89 -28.89 -27.15 -17.03
C GLY B 89 -27.58 -27.01 -16.25
N ASP B 90 -26.66 -26.22 -16.74
CA ASP B 90 -25.39 -26.04 -16.06
C ASP B 90 -25.56 -25.38 -14.69
N LYS B 91 -24.74 -25.78 -13.73
CA LYS B 91 -24.68 -25.12 -12.44
C LYS B 91 -23.78 -23.89 -12.64
N VAL B 92 -24.18 -22.76 -12.08
CA VAL B 92 -23.43 -21.56 -12.26
C VAL B 92 -23.47 -20.65 -11.03
N ILE B 93 -22.52 -19.74 -11.00
CA ILE B 93 -22.47 -18.72 -9.98
C ILE B 93 -22.37 -17.35 -10.67
N PRO B 94 -23.28 -16.46 -10.36
CA PRO B 94 -23.20 -15.16 -10.97
C PRO B 94 -22.00 -14.34 -10.42
N LEU B 95 -21.41 -13.52 -11.25
CA LEU B 95 -20.23 -12.76 -10.92
C LEU B 95 -20.54 -11.27 -10.85
N TRP B 96 -20.60 -10.68 -9.66
CA TRP B 96 -20.85 -9.29 -9.47
C TRP B 96 -19.65 -8.41 -9.94
N THR B 97 -18.50 -9.05 -10.06
CA THR B 97 -17.35 -8.42 -10.70
C THR B 97 -17.16 -9.23 -11.98
N PRO B 98 -17.47 -8.64 -13.12
CA PRO B 98 -17.33 -9.43 -14.34
C PRO B 98 -15.89 -9.69 -14.75
N GLN B 99 -15.77 -10.43 -15.84
CA GLN B 99 -14.47 -10.68 -16.44
C GLN B 99 -14.65 -10.67 -17.94
N CYS B 100 -14.64 -9.50 -18.54
CA CYS B 100 -14.84 -9.34 -19.98
C CYS B 100 -13.73 -9.99 -20.78
N GLY B 101 -12.53 -10.06 -20.23
CA GLY B 101 -11.40 -10.64 -20.86
C GLY B 101 -10.73 -9.82 -21.94
N LYS B 102 -11.17 -8.59 -22.10
CA LYS B 102 -10.68 -7.72 -23.17
C LYS B 102 -10.16 -6.35 -22.75
N CYS B 103 -10.47 -5.94 -21.54
CA CYS B 103 -10.03 -4.67 -21.08
C CYS B 103 -8.59 -4.70 -20.52
N ARG B 104 -8.06 -3.54 -20.22
CA ARG B 104 -6.72 -3.46 -19.70
C ARG B 104 -6.54 -4.23 -18.37
N VAL B 105 -7.55 -4.18 -17.51
CA VAL B 105 -7.47 -4.87 -16.27
C VAL B 105 -7.53 -6.38 -16.45
N CYS B 106 -8.46 -6.82 -17.28
CA CYS B 106 -8.58 -8.23 -17.51
C CYS B 106 -7.30 -8.85 -18.10
N LYS B 107 -6.61 -8.07 -18.91
CA LYS B 107 -5.40 -8.54 -19.51
C LYS B 107 -4.19 -8.40 -18.59
N HIS B 108 -4.34 -7.69 -17.48
CA HIS B 108 -3.26 -7.52 -16.53
C HIS B 108 -3.08 -8.80 -15.72
N PRO B 109 -1.84 -9.11 -15.40
CA PRO B 109 -1.67 -10.32 -14.67
C PRO B 109 -2.27 -10.35 -13.29
N GLU B 110 -2.36 -9.23 -12.64
CA GLU B 110 -2.87 -9.20 -11.29
C GLU B 110 -4.24 -8.57 -11.14
N GLY B 111 -4.51 -7.51 -11.84
CA GLY B 111 -5.79 -6.85 -11.68
C GLY B 111 -7.00 -7.72 -11.91
N ASN B 112 -8.06 -7.44 -11.16
CA ASN B 112 -9.31 -8.14 -11.33
C ASN B 112 -10.56 -7.25 -11.45
N PHE B 113 -10.46 -5.97 -11.14
CA PHE B 113 -11.59 -5.05 -11.20
C PHE B 113 -11.86 -4.64 -12.65
N CYS B 114 -12.49 -5.56 -13.36
CA CYS B 114 -12.84 -5.39 -14.76
C CYS B 114 -13.56 -4.05 -15.06
N LEU B 115 -13.18 -3.35 -16.13
CA LEU B 115 -13.77 -2.09 -16.47
C LEU B 115 -15.24 -2.16 -16.84
N LYS B 116 -15.79 -3.36 -16.99
CA LYS B 116 -17.21 -3.41 -17.31
C LYS B 116 -18.06 -3.53 -16.05
N ASN B 117 -17.45 -3.38 -14.91
CA ASN B 117 -18.17 -3.44 -13.67
C ASN B 117 -19.24 -2.35 -13.55
N ASP B 118 -20.23 -2.60 -12.69
CA ASP B 118 -21.27 -1.63 -12.43
C ASP B 118 -21.18 -1.13 -10.99
N LEU B 119 -19.98 -1.13 -10.43
CA LEU B 119 -19.74 -0.66 -9.08
C LEU B 119 -19.24 0.78 -8.96
N SER B 120 -18.28 1.14 -9.79
CA SER B 120 -17.74 2.48 -9.71
C SER B 120 -18.74 3.59 -9.96
N MET B 121 -19.53 3.48 -11.02
CA MET B 121 -20.55 4.48 -11.32
C MET B 121 -21.81 3.68 -11.76
N PRO B 122 -22.53 3.21 -10.78
CA PRO B 122 -23.63 2.28 -11.06
C PRO B 122 -24.70 2.75 -12.02
N ARG B 123 -25.11 1.96 -12.96
CA ARG B 123 -26.20 2.28 -13.83
C ARG B 123 -27.42 1.41 -13.43
N GLY B 124 -27.21 0.29 -12.78
CA GLY B 124 -28.32 -0.59 -12.44
C GLY B 124 -28.98 -1.23 -13.67
N THR B 125 -28.14 -1.66 -14.61
CA THR B 125 -28.68 -2.27 -15.79
C THR B 125 -27.84 -3.41 -16.31
N MET B 126 -28.31 -4.00 -17.39
CA MET B 126 -27.48 -4.98 -18.05
C MET B 126 -26.37 -4.24 -18.81
N GLN B 127 -25.42 -4.97 -19.36
CA GLN B 127 -24.37 -4.29 -20.11
C GLN B 127 -24.92 -3.44 -21.25
N ASP B 128 -26.05 -3.82 -21.84
CA ASP B 128 -26.63 -3.06 -22.94
C ASP B 128 -27.35 -1.79 -22.49
N GLY B 129 -27.38 -1.55 -21.19
CA GLY B 129 -28.04 -0.39 -20.66
C GLY B 129 -29.55 -0.45 -20.41
N THR B 130 -30.10 -1.64 -20.47
CA THR B 130 -31.51 -1.86 -20.27
C THR B 130 -31.75 -2.90 -19.17
N SER B 131 -33.01 -3.06 -18.82
CA SER B 131 -33.42 -3.97 -17.78
C SER B 131 -34.25 -5.14 -18.29
N ARG B 132 -34.13 -6.26 -17.60
CA ARG B 132 -34.89 -7.43 -17.92
C ARG B 132 -36.05 -7.65 -16.91
N PHE B 133 -36.22 -6.73 -15.99
CA PHE B 133 -37.22 -6.89 -14.98
C PHE B 133 -38.32 -5.84 -15.00
N THR B 134 -39.54 -6.29 -14.75
CA THR B 134 -40.67 -5.42 -14.59
C THR B 134 -41.47 -5.89 -13.36
N CYS B 135 -42.03 -4.93 -12.62
CA CYS B 135 -42.77 -5.18 -11.39
C CYS B 135 -43.77 -4.05 -11.26
N ARG B 136 -45.02 -4.44 -11.16
CA ARG B 136 -46.15 -3.50 -11.15
C ARG B 136 -46.12 -2.58 -12.35
N GLY B 137 -45.83 -3.08 -13.53
CA GLY B 137 -45.77 -2.30 -14.70
C GLY B 137 -44.53 -1.41 -14.85
N LYS B 138 -43.64 -1.38 -13.86
CA LYS B 138 -42.44 -0.56 -13.80
C LYS B 138 -41.14 -1.30 -14.04
N PRO B 139 -40.28 -0.79 -14.88
CA PRO B 139 -38.96 -1.40 -15.00
C PRO B 139 -38.22 -1.28 -13.67
N ILE B 140 -37.47 -2.31 -13.31
CA ILE B 140 -36.73 -2.33 -12.08
C ILE B 140 -35.24 -2.43 -12.40
N HIS B 141 -34.41 -1.79 -11.62
CA HIS B 141 -33.00 -1.85 -11.87
C HIS B 141 -32.35 -3.15 -11.42
N HIS B 142 -31.24 -3.43 -12.06
CA HIS B 142 -30.42 -4.55 -11.70
C HIS B 142 -29.38 -4.08 -10.66
N PHE B 143 -28.68 -5.02 -10.06
CA PHE B 143 -27.66 -4.74 -9.04
C PHE B 143 -26.38 -5.51 -9.38
N LEU B 144 -25.28 -4.77 -9.64
CA LEU B 144 -24.01 -5.31 -9.98
C LEU B 144 -24.09 -6.37 -11.09
N GLY B 145 -25.05 -6.22 -11.96
CA GLY B 145 -25.25 -7.17 -13.04
C GLY B 145 -25.67 -8.55 -12.64
N THR B 146 -26.15 -8.74 -11.40
CA THR B 146 -26.51 -10.04 -10.92
C THR B 146 -27.96 -10.21 -10.44
N SER B 147 -28.35 -9.31 -9.57
CA SER B 147 -29.72 -9.31 -9.04
C SER B 147 -30.21 -10.73 -8.67
N THR B 148 -29.60 -11.28 -7.65
CA THR B 148 -29.91 -12.63 -7.24
C THR B 148 -31.09 -12.79 -6.27
N PHE B 149 -31.66 -11.69 -5.84
CA PHE B 149 -32.81 -11.81 -4.94
C PHE B 149 -34.11 -11.99 -5.77
N SER B 150 -34.09 -12.94 -6.68
CA SER B 150 -35.20 -13.22 -7.55
C SER B 150 -35.12 -14.69 -7.93
N GLN B 151 -36.26 -15.34 -8.08
CA GLN B 151 -36.26 -16.74 -8.46
C GLN B 151 -35.53 -16.98 -9.79
N TYR B 152 -35.68 -16.04 -10.71
CA TYR B 152 -34.98 -16.02 -11.99
C TYR B 152 -34.32 -14.67 -12.20
N THR B 153 -33.12 -14.68 -12.72
CA THR B 153 -32.43 -13.46 -13.09
C THR B 153 -31.79 -13.65 -14.48
N VAL B 154 -31.33 -12.57 -15.07
CA VAL B 154 -30.67 -12.62 -16.34
C VAL B 154 -29.38 -11.87 -16.15
N VAL B 155 -28.31 -12.44 -16.61
CA VAL B 155 -27.02 -11.84 -16.43
C VAL B 155 -26.22 -11.92 -17.74
N ASP B 156 -25.35 -10.96 -17.94
CA ASP B 156 -24.50 -10.99 -19.13
C ASP B 156 -23.53 -12.18 -19.05
N GLU B 157 -23.09 -12.68 -20.20
CA GLU B 157 -22.21 -13.85 -20.16
C GLU B 157 -20.91 -13.60 -19.38
N ILE B 158 -20.40 -12.41 -19.46
CA ILE B 158 -19.18 -12.07 -18.77
C ILE B 158 -19.34 -12.03 -17.25
N SER B 159 -20.58 -12.18 -16.81
CA SER B 159 -20.89 -12.16 -15.40
C SER B 159 -21.46 -13.48 -14.87
N VAL B 160 -21.02 -14.59 -15.46
CA VAL B 160 -21.43 -15.87 -15.03
C VAL B 160 -20.33 -16.93 -15.22
N ALA B 161 -20.20 -17.81 -14.26
CA ALA B 161 -19.25 -18.86 -14.34
C ALA B 161 -19.90 -20.23 -14.16
N LYS B 162 -19.51 -21.18 -14.99
CA LYS B 162 -19.96 -22.52 -14.92
C LYS B 162 -19.14 -23.25 -13.86
N ILE B 163 -19.82 -24.03 -13.02
CA ILE B 163 -19.18 -24.76 -11.93
C ILE B 163 -19.50 -26.25 -11.89
N ASP B 164 -18.78 -26.97 -11.05
CA ASP B 164 -18.91 -28.46 -10.94
C ASP B 164 -20.36 -28.86 -10.87
N ALA B 165 -20.76 -29.81 -11.71
CA ALA B 165 -22.15 -30.23 -11.74
C ALA B 165 -22.62 -30.90 -10.47
N ALA B 166 -21.68 -31.35 -9.66
CA ALA B 166 -21.96 -31.99 -8.42
C ALA B 166 -21.96 -31.04 -7.21
N SER B 167 -21.75 -29.77 -7.43
CA SER B 167 -21.71 -28.84 -6.31
C SER B 167 -22.98 -28.67 -5.54
N PRO B 168 -22.87 -28.55 -4.21
CA PRO B 168 -24.03 -28.28 -3.36
C PRO B 168 -24.30 -26.76 -3.45
N LEU B 169 -25.30 -26.38 -4.20
CA LEU B 169 -25.57 -24.97 -4.40
C LEU B 169 -25.84 -24.16 -3.13
N GLU B 170 -26.38 -24.79 -2.13
CA GLU B 170 -26.67 -24.13 -0.88
C GLU B 170 -25.41 -23.81 -0.08
N LYS B 171 -24.28 -24.32 -0.50
CA LYS B 171 -23.00 -24.00 0.11
C LYS B 171 -22.13 -23.13 -0.78
N VAL B 172 -22.02 -23.47 -2.04
CA VAL B 172 -21.10 -22.77 -2.92
C VAL B 172 -21.55 -21.37 -3.31
N CYS B 173 -22.78 -21.02 -3.02
CA CYS B 173 -23.17 -19.64 -3.27
C CYS B 173 -22.17 -18.68 -2.57
N LEU B 174 -21.57 -19.16 -1.49
CA LEU B 174 -20.67 -18.31 -0.75
C LEU B 174 -19.44 -17.95 -1.54
N ILE B 175 -19.08 -18.80 -2.45
CA ILE B 175 -17.95 -18.58 -3.28
C ILE B 175 -18.23 -17.40 -4.23
N GLY B 176 -19.48 -17.02 -4.33
CA GLY B 176 -19.91 -15.89 -5.13
C GLY B 176 -19.52 -14.54 -4.52
N CYS B 177 -19.25 -14.55 -3.23
CA CYS B 177 -18.85 -13.33 -2.64
C CYS B 177 -18.03 -13.46 -1.34
N GLY B 178 -18.71 -13.71 -0.26
CA GLY B 178 -18.06 -13.74 1.01
C GLY B 178 -16.80 -14.53 1.17
N PHE B 179 -16.88 -15.80 0.85
CA PHE B 179 -15.70 -16.63 1.01
C PHE B 179 -14.54 -16.18 0.15
N SER B 180 -14.83 -16.07 -1.11
CA SER B 180 -13.77 -15.71 -2.00
C SER B 180 -13.12 -14.39 -1.69
N THR B 181 -13.94 -13.45 -1.28
CA THR B 181 -13.42 -12.16 -0.95
C THR B 181 -12.44 -12.25 0.23
N GLY B 182 -12.90 -12.86 1.28
CA GLY B 182 -12.04 -12.94 2.42
C GLY B 182 -10.83 -13.79 2.19
N TYR B 183 -11.02 -14.98 1.68
CA TYR B 183 -9.95 -15.90 1.43
C TYR B 183 -8.91 -15.29 0.48
N GLY B 184 -9.38 -14.66 -0.56
CA GLY B 184 -8.41 -14.10 -1.46
C GLY B 184 -7.66 -12.89 -0.91
N SER B 185 -8.36 -12.12 -0.13
CA SER B 185 -7.70 -11.00 0.45
C SER B 185 -6.44 -11.46 1.25
N ALA B 186 -6.52 -12.64 1.83
CA ALA B 186 -5.36 -13.15 2.58
C ALA B 186 -4.29 -13.80 1.70
N VAL B 187 -4.73 -14.73 0.85
CA VAL B 187 -3.75 -15.48 0.10
C VAL B 187 -3.28 -14.86 -1.20
N LYS B 188 -4.06 -13.97 -1.74
CA LYS B 188 -3.72 -13.36 -2.99
C LYS B 188 -3.35 -11.89 -2.92
N VAL B 189 -4.11 -11.14 -2.15
CA VAL B 189 -3.83 -9.71 -2.03
C VAL B 189 -2.72 -9.41 -1.02
N ALA B 190 -2.87 -9.94 0.16
CA ALA B 190 -1.85 -9.70 1.13
C ALA B 190 -0.65 -10.63 0.96
N LYS B 191 -0.92 -11.83 0.46
CA LYS B 191 0.08 -12.86 0.32
C LYS B 191 0.69 -13.17 1.68
N VAL B 192 -0.13 -13.57 2.64
CA VAL B 192 0.28 -13.92 3.98
C VAL B 192 1.29 -15.02 3.92
N THR B 193 2.27 -14.93 4.78
CA THR B 193 3.38 -15.83 4.78
C THR B 193 3.44 -16.81 5.95
N GLN B 194 4.10 -17.93 5.77
CA GLN B 194 4.17 -18.91 6.85
C GLN B 194 4.80 -18.35 8.09
N GLY B 195 4.24 -18.72 9.21
CA GLY B 195 4.71 -18.28 10.50
C GLY B 195 4.40 -16.86 10.90
N SER B 196 3.67 -16.14 10.09
CA SER B 196 3.36 -14.75 10.38
C SER B 196 2.26 -14.55 11.39
N THR B 197 2.11 -13.32 11.85
CA THR B 197 1.10 -12.93 12.75
C THR B 197 0.11 -11.98 12.04
N CYS B 198 -1.16 -12.33 12.05
CA CYS B 198 -2.18 -11.55 11.41
C CYS B 198 -3.24 -11.01 12.38
N ALA B 199 -3.81 -9.86 12.04
CA ALA B 199 -4.90 -9.26 12.77
C ALA B 199 -6.08 -9.08 11.78
N VAL B 200 -7.25 -9.54 12.17
CA VAL B 200 -8.42 -9.44 11.35
C VAL B 200 -9.53 -8.66 12.05
N PHE B 201 -9.82 -7.47 11.58
CA PHE B 201 -10.81 -6.63 12.15
C PHE B 201 -12.16 -6.95 11.51
N GLY B 202 -13.09 -7.49 12.27
CA GLY B 202 -14.35 -7.85 11.72
C GLY B 202 -14.51 -9.34 11.55
N LEU B 203 -15.44 -9.92 12.30
CA LEU B 203 -15.64 -11.32 12.29
C LEU B 203 -17.00 -11.79 11.73
N GLY B 204 -17.45 -11.16 10.65
CA GLY B 204 -18.61 -11.60 9.96
C GLY B 204 -18.19 -12.65 8.89
N GLY B 205 -19.01 -12.84 7.89
CA GLY B 205 -18.74 -13.82 6.89
C GLY B 205 -17.44 -13.60 6.12
N VAL B 206 -17.15 -12.37 5.85
CA VAL B 206 -15.93 -12.07 5.09
C VAL B 206 -14.72 -12.21 6.00
N GLY B 207 -14.81 -11.68 7.19
CA GLY B 207 -13.68 -11.75 8.08
C GLY B 207 -13.31 -13.17 8.44
N LEU B 208 -14.31 -14.01 8.64
CA LEU B 208 -13.99 -15.38 8.96
C LEU B 208 -13.29 -16.06 7.80
N SER B 209 -13.63 -15.64 6.59
CA SER B 209 -12.98 -16.21 5.42
C SER B 209 -11.52 -15.69 5.32
N VAL B 210 -11.32 -14.47 5.79
CA VAL B 210 -9.97 -13.97 5.86
C VAL B 210 -9.15 -14.89 6.78
N ILE B 211 -9.72 -15.26 7.93
CA ILE B 211 -9.03 -16.11 8.88
C ILE B 211 -8.76 -17.46 8.23
N MET B 212 -9.71 -17.98 7.45
CA MET B 212 -9.41 -19.22 6.79
C MET B 212 -8.19 -19.09 5.86
N GLY B 213 -8.13 -18.01 5.14
CA GLY B 213 -7.03 -17.82 4.24
C GLY B 213 -5.70 -17.65 4.97
N CYS B 214 -5.71 -16.95 6.08
CA CYS B 214 -4.49 -16.75 6.86
C CYS B 214 -3.99 -18.12 7.37
N LYS B 215 -4.92 -18.95 7.80
CA LYS B 215 -4.57 -20.25 8.28
C LYS B 215 -4.03 -21.13 7.16
N ALA B 216 -4.69 -21.12 6.03
CA ALA B 216 -4.23 -21.89 4.89
C ALA B 216 -2.85 -21.43 4.43
N ALA B 217 -2.57 -20.16 4.55
CA ALA B 217 -1.26 -19.65 4.17
C ALA B 217 -0.15 -20.02 5.15
N GLY B 218 -0.53 -20.50 6.33
CA GLY B 218 0.47 -20.90 7.28
C GLY B 218 0.77 -19.96 8.41
N ALA B 219 -0.09 -18.98 8.62
CA ALA B 219 0.10 -18.06 9.71
C ALA B 219 0.21 -18.78 11.02
N ALA B 220 1.07 -18.32 11.89
CA ALA B 220 1.22 -18.91 13.18
C ALA B 220 0.32 -18.27 14.23
N ARG B 221 -0.06 -17.04 14.00
CA ARG B 221 -0.87 -16.34 14.95
C ARG B 221 -1.91 -15.49 14.22
N ILE B 222 -3.16 -15.56 14.65
CA ILE B 222 -4.26 -14.84 14.03
C ILE B 222 -5.16 -14.25 15.13
N ILE B 223 -5.19 -12.93 15.16
CA ILE B 223 -5.95 -12.21 16.13
C ILE B 223 -7.22 -11.60 15.59
N GLY B 224 -8.38 -12.07 16.05
CA GLY B 224 -9.62 -11.53 15.60
C GLY B 224 -10.00 -10.33 16.44
N VAL B 225 -10.59 -9.33 15.82
CA VAL B 225 -10.97 -8.15 16.50
C VAL B 225 -12.44 -7.84 16.18
N ASP B 226 -13.28 -7.82 17.21
CA ASP B 226 -14.68 -7.52 16.97
C ASP B 226 -15.35 -7.05 18.29
N ILE B 227 -16.32 -6.17 18.16
CA ILE B 227 -17.03 -5.66 19.32
C ILE B 227 -18.17 -6.61 19.76
N ASN B 228 -18.49 -7.59 18.94
CA ASN B 228 -19.51 -8.57 19.30
C ASN B 228 -18.79 -9.80 19.71
N LYS B 229 -18.76 -10.06 21.01
CA LYS B 229 -18.04 -11.22 21.47
C LYS B 229 -18.64 -12.59 21.21
N ASP B 230 -19.89 -12.62 20.82
CA ASP B 230 -20.45 -13.89 20.49
C ASP B 230 -19.84 -14.46 19.23
N LYS B 231 -19.05 -13.65 18.52
CA LYS B 231 -18.39 -14.14 17.36
C LYS B 231 -17.05 -14.78 17.61
N PHE B 232 -16.54 -14.68 18.82
CA PHE B 232 -15.25 -15.21 19.11
C PHE B 232 -15.13 -16.73 18.96
N ALA B 233 -16.10 -17.45 19.46
CA ALA B 233 -16.01 -18.89 19.38
C ALA B 233 -15.88 -19.40 17.96
N LYS B 234 -16.66 -18.85 17.07
CA LYS B 234 -16.56 -19.29 15.71
C LYS B 234 -15.22 -18.84 15.10
N ALA B 235 -14.80 -17.63 15.41
CA ALA B 235 -13.53 -17.15 14.92
C ALA B 235 -12.41 -18.11 15.31
N LYS B 236 -12.43 -18.62 16.53
CA LYS B 236 -11.40 -19.53 16.98
C LYS B 236 -11.53 -20.89 16.34
N GLU B 237 -12.74 -21.32 16.08
CA GLU B 237 -12.84 -22.60 15.43
C GLU B 237 -12.24 -22.65 14.05
N VAL B 238 -12.30 -21.55 13.33
CA VAL B 238 -11.72 -21.50 12.00
C VAL B 238 -10.28 -21.05 11.93
N GLY B 239 -9.65 -20.76 13.05
CA GLY B 239 -8.26 -20.41 12.99
C GLY B 239 -7.70 -19.30 13.90
N ALA B 240 -8.54 -18.48 14.44
CA ALA B 240 -8.03 -17.46 15.31
C ALA B 240 -7.40 -18.05 16.55
N THR B 241 -6.25 -17.51 16.92
CA THR B 241 -5.60 -17.96 18.12
C THR B 241 -6.07 -17.13 19.33
N GLU B 242 -6.53 -15.96 19.05
CA GLU B 242 -6.91 -15.00 20.02
C GLU B 242 -7.96 -14.05 19.51
N CYS B 243 -8.75 -13.47 20.40
CA CYS B 243 -9.71 -12.48 20.00
C CYS B 243 -9.68 -11.35 21.01
N VAL B 244 -9.88 -10.13 20.52
CA VAL B 244 -9.97 -8.97 21.35
C VAL B 244 -11.17 -8.11 21.03
N ASN B 245 -11.80 -7.55 22.05
CA ASN B 245 -12.94 -6.69 21.91
C ASN B 245 -12.60 -5.27 22.28
N PRO B 246 -12.59 -4.40 21.29
CA PRO B 246 -12.26 -3.00 21.58
C PRO B 246 -13.05 -2.38 22.74
N GLN B 247 -14.28 -2.73 22.92
CA GLN B 247 -15.04 -2.17 24.03
C GLN B 247 -14.48 -2.54 25.39
N ASP B 248 -13.74 -3.59 25.50
CA ASP B 248 -13.26 -3.97 26.79
C ASP B 248 -12.03 -3.19 27.27
N TYR B 249 -11.50 -2.31 26.44
CA TYR B 249 -10.25 -1.63 26.76
C TYR B 249 -10.30 -0.15 27.01
N LYS B 250 -9.36 0.31 27.81
CA LYS B 250 -9.20 1.70 28.13
C LYS B 250 -8.33 2.50 27.15
N LYS B 251 -7.60 1.80 26.33
CA LYS B 251 -6.80 2.51 25.36
C LYS B 251 -7.08 2.04 23.95
N PRO B 252 -6.57 2.74 22.95
CA PRO B 252 -6.79 2.39 21.56
C PRO B 252 -6.32 0.97 21.28
N ILE B 253 -7.11 0.22 20.55
CA ILE B 253 -6.77 -1.13 20.24
C ILE B 253 -5.46 -1.28 19.44
N GLN B 254 -5.07 -0.22 18.78
CA GLN B 254 -3.83 -0.34 18.06
C GLN B 254 -2.67 -0.52 19.01
N GLU B 255 -2.70 0.10 20.17
CA GLU B 255 -1.62 -0.04 21.09
C GLU B 255 -1.65 -1.43 21.74
N VAL B 256 -2.84 -1.94 22.01
CA VAL B 256 -2.98 -3.24 22.52
C VAL B 256 -2.41 -4.26 21.51
N LEU B 257 -2.79 -4.18 20.27
CA LEU B 257 -2.29 -5.09 19.29
C LEU B 257 -0.78 -4.99 19.04
N THR B 258 -0.26 -3.78 19.08
CA THR B 258 1.16 -3.60 18.92
C THR B 258 1.96 -4.21 20.06
N GLU B 259 1.45 -4.09 21.27
CA GLU B 259 2.13 -4.69 22.43
C GLU B 259 2.06 -6.21 22.34
N MET B 260 0.89 -6.75 22.11
CA MET B 260 0.75 -8.18 21.95
C MET B 260 1.69 -8.85 20.96
N SER B 261 1.90 -8.14 19.83
CA SER B 261 2.69 -8.67 18.74
C SER B 261 4.14 -8.19 18.76
N ASN B 262 4.54 -7.68 19.90
CA ASN B 262 5.91 -7.26 20.10
C ASN B 262 6.37 -6.30 19.06
N GLY B 263 5.53 -5.33 18.77
CA GLY B 263 5.90 -4.30 17.88
C GLY B 263 5.14 -4.20 16.59
N GLY B 264 4.06 -4.92 16.48
CA GLY B 264 3.22 -4.84 15.32
C GLY B 264 3.04 -6.17 14.64
N VAL B 265 1.95 -6.33 13.92
CA VAL B 265 1.67 -7.56 13.24
C VAL B 265 2.22 -7.55 11.78
N ASP B 266 2.32 -8.72 11.22
CA ASP B 266 2.80 -8.84 9.87
C ASP B 266 1.74 -8.40 8.83
N PHE B 267 0.51 -8.80 9.08
CA PHE B 267 -0.57 -8.55 8.17
C PHE B 267 -1.87 -8.18 8.93
N SER B 268 -2.55 -7.13 8.50
CA SER B 268 -3.81 -6.75 9.11
C SER B 268 -4.84 -6.56 8.03
N PHE B 269 -6.10 -6.76 8.39
CA PHE B 269 -7.21 -6.69 7.45
C PHE B 269 -8.38 -5.93 8.05
N GLU B 270 -8.90 -4.95 7.31
CA GLU B 270 -10.08 -4.20 7.72
C GLU B 270 -11.28 -4.85 6.99
N VAL B 271 -12.15 -5.48 7.75
CA VAL B 271 -13.26 -6.17 7.17
C VAL B 271 -14.55 -5.78 7.84
N ILE B 272 -14.71 -4.48 8.00
CA ILE B 272 -15.88 -3.93 8.66
C ILE B 272 -16.55 -2.88 7.77
N GLY B 273 -15.82 -1.81 7.54
CA GLY B 273 -16.29 -0.72 6.77
C GLY B 273 -16.38 0.58 7.55
N ARG B 274 -15.31 0.90 8.27
CA ARG B 274 -15.23 2.13 9.05
C ARG B 274 -13.89 2.83 8.79
N LEU B 275 -13.91 4.15 8.70
CA LEU B 275 -12.66 4.88 8.51
C LEU B 275 -11.72 4.70 9.67
N ASP B 276 -12.21 4.70 10.90
CA ASP B 276 -11.32 4.59 12.02
C ASP B 276 -10.61 3.26 12.10
N THR B 277 -11.33 2.20 11.77
CA THR B 277 -10.74 0.89 11.83
C THR B 277 -9.75 0.68 10.66
N MET B 278 -9.94 1.39 9.54
CA MET B 278 -9.00 1.30 8.44
C MET B 278 -7.66 1.85 8.90
N VAL B 279 -7.67 2.93 9.64
CA VAL B 279 -6.42 3.52 10.07
C VAL B 279 -5.82 2.79 11.23
N THR B 280 -6.69 2.29 12.10
CA THR B 280 -6.20 1.48 13.20
C THR B 280 -5.51 0.23 12.66
N ALA B 281 -6.12 -0.39 11.69
CA ALA B 281 -5.55 -1.58 11.10
C ALA B 281 -4.18 -1.35 10.45
N LEU B 282 -4.06 -0.21 9.84
CA LEU B 282 -2.79 0.12 9.22
C LEU B 282 -1.72 0.36 10.33
N SER B 283 -2.11 1.05 11.37
CA SER B 283 -1.16 1.41 12.40
C SER B 283 -0.67 0.27 13.20
N CYS B 284 -1.50 -0.74 13.32
CA CYS B 284 -1.14 -1.90 14.08
C CYS B 284 -0.17 -2.89 13.42
N CYS B 285 0.18 -2.63 12.19
CA CYS B 285 1.09 -3.51 11.54
C CYS B 285 2.53 -2.96 11.74
N GLN B 286 3.53 -3.83 11.72
CA GLN B 286 4.90 -3.44 11.98
C GLN B 286 5.27 -2.32 11.04
N GLU B 287 5.84 -1.25 11.56
CA GLU B 287 6.11 -0.06 10.76
C GLU B 287 7.08 -0.15 9.56
N ALA B 288 7.93 -1.14 9.62
CA ALA B 288 8.95 -1.36 8.62
C ALA B 288 8.61 -2.31 7.53
N TYR B 289 7.74 -3.25 7.80
CA TYR B 289 7.40 -4.26 6.83
C TYR B 289 5.95 -4.76 6.84
N GLY B 290 5.13 -4.16 7.67
CA GLY B 290 3.77 -4.62 7.75
C GLY B 290 2.96 -4.37 6.50
N VAL B 291 1.89 -5.14 6.32
CA VAL B 291 1.00 -5.03 5.20
C VAL B 291 -0.45 -4.96 5.68
N SER B 292 -1.17 -3.96 5.25
CA SER B 292 -2.55 -3.83 5.64
C SER B 292 -3.50 -3.80 4.41
N VAL B 293 -4.52 -4.64 4.44
CA VAL B 293 -5.47 -4.68 3.37
C VAL B 293 -6.86 -4.21 3.80
N ILE B 294 -7.40 -3.28 3.05
CA ILE B 294 -8.74 -2.84 3.31
C ILE B 294 -9.74 -3.65 2.47
N VAL B 295 -10.70 -4.24 3.15
CA VAL B 295 -11.74 -4.99 2.50
C VAL B 295 -13.13 -4.36 2.73
N GLY B 296 -13.31 -3.77 3.89
CA GLY B 296 -14.59 -3.18 4.18
C GLY B 296 -14.95 -1.96 3.40
N VAL B 297 -16.23 -1.72 3.25
CA VAL B 297 -16.74 -0.59 2.55
C VAL B 297 -17.25 0.47 3.51
N PRO B 298 -16.68 1.64 3.48
CA PRO B 298 -17.12 2.75 4.29
C PRO B 298 -18.32 3.43 3.68
N PRO B 299 -18.87 4.36 4.40
CA PRO B 299 -19.88 5.05 3.63
C PRO B 299 -19.33 6.03 2.58
N ASP B 300 -20.29 6.30 1.73
CA ASP B 300 -20.16 7.05 0.53
C ASP B 300 -19.54 8.43 0.74
N SER B 301 -18.53 8.74 -0.09
CA SER B 301 -17.81 10.00 -0.13
C SER B 301 -16.84 10.44 1.02
N GLN B 302 -17.15 10.16 2.28
CA GLN B 302 -16.25 10.60 3.37
CA GLN B 302 -16.34 10.58 3.42
C GLN B 302 -14.73 10.16 3.41
N ASN B 303 -13.88 11.18 3.44
CA ASN B 303 -12.44 10.98 3.45
C ASN B 303 -11.89 10.73 4.85
N LEU B 304 -10.79 10.01 4.93
CA LEU B 304 -10.11 9.76 6.18
C LEU B 304 -8.87 10.65 6.29
N SER B 305 -8.53 10.92 7.52
CA SER B 305 -7.22 11.57 7.77
CA SER B 305 -7.24 11.63 7.82
C SER B 305 -6.12 10.62 8.43
N MET B 306 -4.94 10.69 7.84
CA MET B 306 -3.89 9.86 8.27
C MET B 306 -2.49 10.46 8.08
N ASN B 307 -1.55 9.98 8.87
CA ASN B 307 -0.20 10.46 8.82
C ASN B 307 0.62 9.63 7.82
N PRO B 308 1.10 10.27 6.75
CA PRO B 308 1.81 9.50 5.72
C PRO B 308 3.12 8.89 6.17
N MET B 309 3.64 9.31 7.31
CA MET B 309 4.85 8.75 7.83
C MET B 309 4.61 7.31 8.25
N LEU B 310 3.35 6.94 8.48
CA LEU B 310 3.04 5.53 8.74
C LEU B 310 3.43 4.69 7.52
N LEU B 311 3.41 5.28 6.34
CA LEU B 311 3.82 4.55 5.16
C LEU B 311 5.33 4.69 4.88
N LEU B 312 5.84 5.88 5.09
CA LEU B 312 7.24 6.19 4.82
C LEU B 312 8.15 5.21 5.55
N SER B 313 7.74 4.78 6.73
CA SER B 313 8.56 3.87 7.51
C SER B 313 8.74 2.53 6.82
N GLY B 314 7.79 2.19 5.96
CA GLY B 314 7.86 0.95 5.22
C GLY B 314 6.61 0.10 5.10
N ARG B 315 5.53 0.56 5.68
CA ARG B 315 4.32 -0.18 5.56
C ARG B 315 3.73 -0.15 4.15
N THR B 316 2.91 -1.13 3.84
CA THR B 316 2.17 -1.24 2.59
C THR B 316 0.69 -1.20 2.94
N TRP B 317 -0.07 -0.39 2.22
CA TRP B 317 -1.50 -0.24 2.45
C TRP B 317 -2.18 -0.50 1.11
N LYS B 318 -3.20 -1.36 1.11
CA LYS B 318 -3.91 -1.55 -0.11
C LYS B 318 -5.29 -2.13 0.12
N GLY B 319 -6.06 -2.13 -0.96
CA GLY B 319 -7.39 -2.65 -0.93
C GLY B 319 -7.64 -3.58 -2.11
N ALA B 320 -8.80 -4.23 -2.12
CA ALA B 320 -9.12 -5.12 -3.18
C ALA B 320 -10.60 -5.42 -3.27
N ILE B 321 -11.05 -5.73 -4.47
CA ILE B 321 -12.40 -6.14 -4.72
C ILE B 321 -12.39 -7.66 -4.94
N PHE B 322 -13.31 -8.37 -4.32
CA PHE B 322 -13.42 -9.80 -4.57
C PHE B 322 -12.15 -10.59 -4.32
N GLY B 323 -11.42 -10.17 -3.31
CA GLY B 323 -10.20 -10.85 -2.94
C GLY B 323 -9.10 -10.90 -4.02
N GLY B 324 -9.21 -9.97 -4.95
CA GLY B 324 -8.26 -9.93 -6.04
C GLY B 324 -8.45 -11.03 -7.09
N PHE B 325 -9.47 -11.83 -6.97
CA PHE B 325 -9.64 -12.88 -7.91
C PHE B 325 -10.26 -12.47 -9.25
N LYS B 326 -9.66 -12.89 -10.38
CA LYS B 326 -10.23 -12.68 -11.71
C LYS B 326 -11.44 -13.64 -11.65
N SER B 327 -12.63 -13.07 -11.78
CA SER B 327 -13.85 -13.81 -11.46
C SER B 327 -14.18 -15.07 -12.22
N LYS B 328 -14.16 -14.94 -13.54
CA LYS B 328 -14.53 -16.09 -14.33
C LYS B 328 -13.49 -17.20 -14.30
N ASP B 329 -12.25 -16.83 -14.21
CA ASP B 329 -11.25 -17.82 -14.11
C ASP B 329 -11.20 -18.49 -12.76
N SER B 330 -11.45 -17.72 -11.73
CA SER B 330 -11.29 -18.22 -10.41
C SER B 330 -12.40 -19.00 -9.74
N VAL B 331 -13.62 -18.55 -9.96
CA VAL B 331 -14.75 -19.16 -9.32
C VAL B 331 -14.82 -20.67 -9.53
N PRO B 332 -14.71 -21.13 -10.77
CA PRO B 332 -14.79 -22.57 -10.94
C PRO B 332 -13.63 -23.31 -10.26
N LYS B 333 -12.44 -22.72 -10.25
CA LYS B 333 -11.31 -23.33 -9.57
C LYS B 333 -11.56 -23.40 -8.05
N LEU B 334 -12.15 -22.35 -7.49
CA LEU B 334 -12.48 -22.37 -6.06
C LEU B 334 -13.52 -23.44 -5.76
N VAL B 335 -14.49 -23.60 -6.61
CA VAL B 335 -15.46 -24.63 -6.38
C VAL B 335 -14.80 -26.02 -6.44
N ALA B 336 -13.84 -26.17 -7.33
CA ALA B 336 -13.16 -27.44 -7.43
C ALA B 336 -12.29 -27.71 -6.20
N ASP B 337 -11.80 -26.65 -5.58
CA ASP B 337 -11.01 -26.83 -4.38
C ASP B 337 -11.94 -27.18 -3.24
N PHE B 338 -13.11 -26.59 -3.20
CA PHE B 338 -14.11 -26.92 -2.20
C PHE B 338 -14.51 -28.41 -2.35
N MET B 339 -14.72 -28.87 -3.57
CA MET B 339 -15.11 -30.25 -3.77
C MET B 339 -13.99 -31.21 -3.38
N ALA B 340 -12.76 -30.74 -3.49
CA ALA B 340 -11.59 -31.53 -3.15
C ALA B 340 -11.27 -31.45 -1.68
N LYS B 341 -12.12 -30.81 -0.93
CA LYS B 341 -11.95 -30.64 0.50
C LYS B 341 -10.74 -29.85 0.92
N LYS B 342 -10.43 -28.82 0.17
CA LYS B 342 -9.35 -27.93 0.54
C LYS B 342 -9.74 -26.82 1.54
N PHE B 343 -11.00 -26.47 1.63
CA PHE B 343 -11.51 -25.51 2.60
C PHE B 343 -12.94 -25.90 2.99
N ALA B 344 -13.47 -25.21 3.98
CA ALA B 344 -14.81 -25.47 4.44
C ALA B 344 -15.69 -24.25 4.37
N LEU B 345 -16.95 -24.48 4.08
CA LEU B 345 -17.91 -23.42 3.99
C LEU B 345 -18.97 -23.50 5.12
N ASP B 346 -19.24 -24.69 5.64
CA ASP B 346 -20.25 -24.82 6.69
C ASP B 346 -20.06 -23.91 7.91
N PRO B 347 -18.84 -23.71 8.34
CA PRO B 347 -18.69 -22.89 9.52
C PRO B 347 -19.25 -21.51 9.36
N LEU B 348 -19.35 -21.05 8.14
CA LEU B 348 -19.81 -19.71 7.88
C LEU B 348 -21.29 -19.54 7.93
N ILE B 349 -22.00 -20.65 7.80
CA ILE B 349 -23.41 -20.62 7.72
C ILE B 349 -24.04 -20.90 9.08
N THR B 350 -24.75 -19.91 9.59
CA THR B 350 -25.43 -20.02 10.85
C THR B 350 -26.94 -20.22 10.73
N HIS B 351 -27.48 -19.88 9.59
CA HIS B 351 -28.89 -19.95 9.37
C HIS B 351 -29.24 -20.23 7.90
N VAL B 352 -30.32 -20.98 7.72
CA VAL B 352 -30.83 -21.30 6.40
C VAL B 352 -32.32 -21.04 6.50
N LEU B 353 -32.80 -20.14 5.70
CA LEU B 353 -34.19 -19.75 5.72
C LEU B 353 -34.77 -19.74 4.34
N PRO B 354 -36.06 -19.93 4.25
CA PRO B 354 -36.69 -19.80 2.94
C PRO B 354 -36.58 -18.37 2.42
N PHE B 355 -36.48 -18.21 1.12
CA PHE B 355 -36.40 -16.91 0.51
C PHE B 355 -37.44 -15.91 1.05
N GLU B 356 -38.66 -16.38 1.28
CA GLU B 356 -39.72 -15.54 1.79
C GLU B 356 -39.39 -14.84 3.10
N LYS B 357 -38.43 -15.35 3.83
CA LYS B 357 -38.04 -14.76 5.09
C LYS B 357 -36.81 -13.84 4.97
N ILE B 358 -36.59 -13.33 3.80
CA ILE B 358 -35.46 -12.44 3.57
C ILE B 358 -35.33 -11.29 4.61
N ASN B 359 -36.40 -10.63 4.95
CA ASN B 359 -36.29 -9.53 5.90
C ASN B 359 -35.86 -10.04 7.28
N GLU B 360 -36.27 -11.24 7.63
CA GLU B 360 -35.83 -11.79 8.88
C GLU B 360 -34.35 -12.10 8.82
N GLY B 361 -33.88 -12.51 7.66
CA GLY B 361 -32.49 -12.76 7.47
C GLY B 361 -31.67 -11.49 7.63
N PHE B 362 -32.15 -10.40 7.13
CA PHE B 362 -31.46 -9.14 7.28
C PHE B 362 -31.53 -8.72 8.75
N ASP B 363 -32.62 -9.08 9.46
CA ASP B 363 -32.67 -8.73 10.86
C ASP B 363 -31.59 -9.44 11.64
N LEU B 364 -31.37 -10.68 11.31
CA LEU B 364 -30.38 -11.42 11.99
C LEU B 364 -28.99 -10.88 11.78
N LEU B 365 -28.77 -10.28 10.62
CA LEU B 365 -27.48 -9.69 10.34
C LEU B 365 -27.27 -8.43 11.16
N ARG B 366 -28.20 -7.55 11.13
CA ARG B 366 -28.08 -6.32 11.86
C ARG B 366 -27.97 -6.51 13.39
N SER B 367 -28.67 -7.48 13.89
CA SER B 367 -28.67 -7.70 15.32
C SER B 367 -27.42 -8.38 15.79
N GLY B 368 -26.58 -8.81 14.86
CA GLY B 368 -25.38 -9.53 15.21
C GLY B 368 -25.52 -10.97 15.64
N GLU B 369 -26.64 -11.58 15.28
CA GLU B 369 -26.90 -12.93 15.62
C GLU B 369 -26.52 -13.98 14.58
N SER B 370 -26.20 -13.52 13.38
CA SER B 370 -25.78 -14.44 12.36
C SER B 370 -24.42 -14.12 11.73
N ILE B 371 -23.85 -15.13 11.10
CA ILE B 371 -22.69 -14.91 10.27
C ILE B 371 -23.37 -14.81 8.86
N ARG B 372 -23.54 -15.92 8.21
CA ARG B 372 -24.23 -15.92 6.92
C ARG B 372 -25.57 -16.66 6.99
N THR B 373 -26.59 -16.03 6.49
CA THR B 373 -27.87 -16.66 6.32
C THR B 373 -27.94 -17.02 4.83
N ILE B 374 -28.20 -18.27 4.52
CA ILE B 374 -28.41 -18.68 3.16
C ILE B 374 -29.93 -18.78 2.95
N LEU B 375 -30.43 -18.09 1.94
CA LEU B 375 -31.83 -18.11 1.56
C LEU B 375 -32.01 -19.15 0.47
N THR B 376 -32.96 -20.04 0.68
CA THR B 376 -33.23 -21.08 -0.29
C THR B 376 -34.52 -20.80 -1.05
N PHE B 377 -34.51 -20.91 -2.36
CA PHE B 377 -35.68 -20.63 -3.17
C PHE B 377 -36.64 -21.82 -3.25
ZN ZN C . 19.09 12.47 2.32
ZN ZN D . 18.42 -3.42 13.79
PA NAI E . 15.00 18.39 -4.06
O1A NAI E . 14.71 19.67 -3.40
O2A NAI E . 16.26 18.38 -4.72
O5B NAI E . 13.94 18.09 -5.23
C5B NAI E . 12.62 18.25 -4.98
C4B NAI E . 11.85 18.57 -6.29
O4B NAI E . 10.59 18.74 -6.10
C3B NAI E . 12.38 19.88 -6.90
O3B NAI E . 12.83 19.79 -8.17
C2B NAI E . 11.10 20.79 -6.80
O2B NAI E . 11.15 21.79 -7.89
C1B NAI E . 10.11 19.96 -7.00
N9A NAI E . 8.78 20.43 -6.55
C8A NAI E . 8.58 21.22 -5.52
N7A NAI E . 7.29 21.42 -5.40
C5A NAI E . 6.71 20.74 -6.36
C6A NAI E . 5.40 20.64 -6.70
N6A NAI E . 4.22 21.16 -6.13
N1A NAI E . 5.05 19.90 -7.69
C2A NAI E . 5.94 19.29 -8.43
N3A NAI E . 7.22 19.37 -8.11
C4A NAI E . 7.61 20.15 -7.08
O3 NAI E . 14.88 17.28 -2.95
PN NAI E . 15.58 15.86 -2.91
O1N NAI E . 16.87 15.94 -2.24
O2N NAI E . 15.63 15.24 -4.13
O5D NAI E . 14.59 15.04 -1.89
C5D NAI E . 13.33 14.87 -2.30
C4D NAI E . 12.45 14.43 -1.08
O4D NAI E . 12.82 13.25 -0.72
C3D NAI E . 12.66 15.39 0.11
O3D NAI E . 11.52 15.57 0.73
C2D NAI E . 13.55 14.53 1.04
O2D NAI E . 13.49 15.01 2.43
C1D NAI E . 13.06 13.32 0.86
N1N NAI E . 13.93 12.23 1.18
C2N NAI E . 13.46 11.05 1.77
C3N NAI E . 14.39 9.86 2.02
C7N NAI E . 13.86 8.48 2.40
O7N NAI E . 14.51 7.68 2.82
N7N NAI E . 12.40 8.32 2.20
C4N NAI E . 15.87 9.99 1.74
C5N NAI E . 16.13 11.11 0.78
C6N NAI E . 15.31 12.33 0.84
C1 CXF F . 15.57 11.16 5.60
C2 CXF F . 14.72 9.94 5.80
C3 CXF F . 13.25 10.27 5.80
C4 CXF F . 12.85 11.29 6.86
C5 CXF F . 13.80 12.43 6.75
C6 CXF F . 15.26 12.04 6.79
N8 CXF F . 16.95 10.89 5.45
C7 CXF F . 17.69 11.42 4.53
O9 CXF F . 17.22 12.14 3.78
ZN ZN G . -20.87 -9.37 -0.92
ZN ZN H . -12.57 -6.64 -18.36
PA NAI I . -20.80 -8.46 8.67
O1A NAI I . -21.72 -7.42 8.95
O2A NAI I . -21.19 -9.80 8.62
O5B NAI I . -19.53 -8.34 9.65
C5B NAI I . -19.06 -7.12 10.06
C4B NAI I . -18.34 -7.31 11.45
O4B NAI I . -17.82 -6.21 11.85
C3B NAI I . -19.45 -7.68 12.51
O3B NAI I . -19.17 -8.81 13.16
C2B NAI I . -19.43 -6.42 13.43
O2B NAI I . -19.80 -6.82 14.86
C1B NAI I . -18.20 -6.01 13.38
N9A NAI I . -17.99 -4.60 13.75
C8A NAI I . -18.80 -3.63 13.45
N7A NAI I . -18.36 -2.50 13.89
C5A NAI I . -17.24 -2.78 14.49
C6A NAI I . -16.35 -1.97 15.15
N6A NAI I . -16.35 -0.57 15.40
N1A NAI I . -15.29 -2.45 15.67
C2A NAI I . -15.05 -3.75 15.56
N3A NAI I . -15.89 -4.55 14.94
C4A NAI I . -16.99 -4.07 14.42
O3 NAI I . -20.19 -7.99 7.21
PN NAI I . -19.57 -8.90 6.08
O1N NAI I . -20.65 -9.39 5.22
O2N NAI I . -18.69 -9.83 6.64
O5D NAI I . -18.73 -7.77 5.20
C5D NAI I . -17.80 -7.01 5.83
C4D NAI I . -17.35 -5.78 4.97
O4D NAI I . -16.80 -6.10 3.84
C3D NAI I . -18.59 -4.92 4.62
O3D NAI I . -18.33 -3.61 4.65
C2D NAI I . -18.85 -5.34 3.17
O2D NAI I . -19.72 -4.37 2.48
C1D NAI I . -17.62 -5.39 2.67
N1N NAI I . -17.39 -6.20 1.52
C2N NAI I . -16.39 -5.87 0.60
C3N NAI I . -16.23 -6.70 -0.65
C7N NAI I . -14.97 -6.47 -1.51
O7N NAI I . -14.88 -6.92 -2.53
N7N NAI I . -13.99 -5.59 -0.90
C4N NAI I . -17.01 -7.98 -0.83
C5N NAI I . -17.73 -8.43 0.41
C6N NAI I . -18.12 -7.39 1.36
C1 CXF J . -19.10 -5.00 -2.71
C2 CXF J . -17.70 -4.61 -3.07
C3 CXF J . -17.14 -3.38 -2.39
C4 CXF J . -18.04 -2.24 -2.71
C5 CXF J . -19.41 -2.68 -2.22
C6 CXF J . -19.93 -3.83 -3.04
N8 CXF J . -19.53 -6.20 -3.39
C7 CXF J . -20.04 -7.23 -2.76
O9 CXF J . -20.22 -7.16 -1.64
#